data_1H66
#
_entry.id   1H66
#
_cell.length_a   56.185
_cell.length_b   57.080
_cell.length_c   97.323
_cell.angle_alpha   77.05
_cell.angle_beta   77.07
_cell.angle_gamma   87.22
#
_symmetry.space_group_name_H-M   'P 1'
#
loop_
_entity.id
_entity.type
_entity.pdbx_description
1 polymer 'NAD(P)H DEHYDROGENASE [QUINONE] 1'
2 non-polymer 2,5-DIAZIRIDIN-1-YL-3-(HYDROXYMETHYL)-6-METHYLCYCLOHEXA-2,5-DIENE-1,4-DIONE
3 non-polymer 'FLAVIN-ADENINE DINUCLEOTIDE'
4 water water
#
_entity_poly.entity_id   1
_entity_poly.type   'polypeptide(L)'
_entity_poly.pdbx_seq_one_letter_code
;AGRRALIVLAHSERTSFNYAMKEAAAAALKKKGWEVVESDLYAMNFNPIISRKDITGKLKDPANFQYPAESVLAYKEGHL
SPDIVAEQKKLEAADLVIFQFPLQWFGVPAILKGWFERVFIGEFAYTYAAMYDKGPFRSKKAVLSITTGGSGSMYSLQGI
HGDMNVILWPIQSGILHFCGFQVLEPQLTYSIGHTPADARIQILEGWKKRLENIWDETPLYFAPSSLFDLNFQAGFLMKK
EVQDEEKNKKFGLSVGHHLGKSIPTDNQIKARK
;
_entity_poly.pdbx_strand_id   A,B,C,D
#
# COMPACT_ATOMS: atom_id res chain seq x y z
N ALA A 1 12.14 -3.35 -0.81
CA ALA A 1 12.21 -1.93 -1.25
C ALA A 1 13.17 -1.14 -0.36
N GLY A 2 12.77 0.07 -0.01
CA GLY A 2 13.60 0.91 0.83
C GLY A 2 12.75 1.55 1.91
N ARG A 3 13.25 1.57 3.13
CA ARG A 3 12.50 2.15 4.24
C ARG A 3 13.14 3.44 4.72
N ARG A 4 14.40 3.67 4.33
CA ARG A 4 15.17 4.85 4.77
C ARG A 4 15.59 5.83 3.70
N ALA A 5 15.36 7.12 3.95
CA ALA A 5 15.73 8.16 3.02
C ALA A 5 16.57 9.25 3.66
N LEU A 6 17.52 9.78 2.91
CA LEU A 6 18.38 10.87 3.36
C LEU A 6 18.17 12.00 2.35
N ILE A 7 17.87 13.20 2.84
CA ILE A 7 17.66 14.35 1.96
C ILE A 7 18.73 15.40 2.22
N VAL A 8 19.54 15.67 1.20
CA VAL A 8 20.59 16.65 1.33
C VAL A 8 20.12 17.94 0.66
N LEU A 9 20.00 19.01 1.45
CA LEU A 9 19.55 20.30 0.93
C LEU A 9 20.68 21.33 0.92
N ALA A 10 20.81 22.08 -0.17
CA ALA A 10 21.86 23.09 -0.27
C ALA A 10 21.31 24.49 -0.63
N HIS A 11 20.62 25.11 0.34
CA HIS A 11 20.09 26.44 0.16
C HIS A 11 20.08 27.12 1.52
N SER A 12 20.49 28.39 1.55
CA SER A 12 20.56 29.13 2.82
C SER A 12 19.24 29.65 3.36
N GLU A 13 18.28 29.95 2.48
CA GLU A 13 17.01 30.52 2.90
C GLU A 13 15.89 29.51 3.11
N ARG A 14 15.25 29.57 4.27
CA ARG A 14 14.16 28.66 4.56
C ARG A 14 12.88 29.20 3.92
N THR A 15 12.97 30.36 3.29
CA THR A 15 11.84 30.98 2.61
C THR A 15 11.88 30.65 1.10
N SER A 16 12.90 29.91 0.69
CA SER A 16 13.08 29.54 -0.70
C SER A 16 12.18 28.40 -1.16
N PHE A 17 12.05 28.24 -2.47
CA PHE A 17 11.25 27.16 -3.04
C PHE A 17 11.96 25.85 -2.78
N ASN A 18 13.30 25.90 -2.72
CA ASN A 18 14.09 24.70 -2.45
C ASN A 18 13.76 24.17 -1.07
N TYR A 19 13.62 25.08 -0.11
CA TYR A 19 13.29 24.66 1.25
C TYR A 19 11.89 24.00 1.21
N ALA A 20 11.00 24.61 0.45
CA ALA A 20 9.64 24.10 0.31
C ALA A 20 9.65 22.70 -0.30
N MET A 21 10.54 22.50 -1.28
CA MET A 21 10.66 21.21 -1.95
C MET A 21 11.16 20.13 -1.00
N LYS A 22 12.08 20.49 -0.11
CA LYS A 22 12.63 19.55 0.86
C LYS A 22 11.52 19.15 1.84
N GLU A 23 10.76 20.14 2.30
CA GLU A 23 9.67 19.91 3.22
C GLU A 23 8.62 19.01 2.57
N ALA A 24 8.32 19.27 1.30
CA ALA A 24 7.34 18.47 0.57
C ALA A 24 7.80 17.01 0.50
N ALA A 25 9.06 16.81 0.18
CA ALA A 25 9.63 15.47 0.07
C ALA A 25 9.58 14.72 1.39
N ALA A 26 9.98 15.38 2.47
CA ALA A 26 9.99 14.74 3.78
C ALA A 26 8.58 14.33 4.16
N ALA A 27 7.62 15.22 3.95
CA ALA A 27 6.23 14.93 4.29
C ALA A 27 5.69 13.74 3.49
N ALA A 28 5.88 13.76 2.17
CA ALA A 28 5.38 12.68 1.33
C ALA A 28 5.95 11.32 1.73
N LEU A 29 7.27 11.25 1.95
CA LEU A 29 7.94 10.00 2.33
C LEU A 29 7.50 9.44 3.68
N LYS A 30 7.35 10.30 4.67
CA LYS A 30 6.92 9.85 5.98
C LYS A 30 5.51 9.25 5.91
N LYS A 31 4.63 9.84 5.10
CA LYS A 31 3.27 9.32 4.96
C LYS A 31 3.31 7.90 4.39
N LYS A 32 4.23 7.65 3.47
CA LYS A 32 4.36 6.33 2.88
C LYS A 32 5.15 5.38 3.78
N GLY A 33 5.42 5.80 5.01
CA GLY A 33 6.14 4.95 5.94
C GLY A 33 7.65 4.98 5.95
N TRP A 34 8.28 5.86 5.16
CA TRP A 34 9.75 5.92 5.14
C TRP A 34 10.30 6.56 6.41
N GLU A 35 11.56 6.28 6.66
CA GLU A 35 12.33 6.81 7.77
C GLU A 35 13.09 7.93 7.05
N VAL A 36 12.90 9.20 7.43
CA VAL A 36 13.56 10.31 6.73
C VAL A 36 14.57 11.14 7.52
N VAL A 37 15.85 11.06 7.14
CA VAL A 37 16.90 11.84 7.79
C VAL A 37 17.28 12.97 6.86
N GLU A 38 17.73 14.09 7.43
CA GLU A 38 18.11 15.27 6.67
C GLU A 38 19.54 15.76 6.91
N SER A 39 20.06 16.46 5.91
CA SER A 39 21.37 17.08 5.98
C SER A 39 21.20 18.44 5.32
N ASP A 40 20.73 19.40 6.11
CA ASP A 40 20.52 20.78 5.65
C ASP A 40 21.90 21.42 5.87
N LEU A 41 22.74 21.41 4.85
CA LEU A 41 24.11 21.89 4.95
C LEU A 41 24.30 23.31 5.50
N TYR A 42 23.47 24.25 5.07
CA TYR A 42 23.58 25.62 5.56
C TYR A 42 23.17 25.70 7.02
N ALA A 43 22.09 25.00 7.37
CA ALA A 43 21.62 24.98 8.75
C ALA A 43 22.64 24.31 9.67
N MET A 44 23.36 23.33 9.13
CA MET A 44 24.39 22.59 9.88
C MET A 44 25.68 23.38 9.95
N ASN A 45 25.74 24.46 9.16
CA ASN A 45 26.94 25.27 9.07
C ASN A 45 28.07 24.31 8.69
N PHE A 46 27.75 23.41 7.77
CA PHE A 46 28.67 22.39 7.28
C PHE A 46 29.96 22.98 6.68
N ASN A 47 31.10 22.38 7.00
CA ASN A 47 32.39 22.82 6.49
C ASN A 47 32.66 22.07 5.18
N PRO A 48 32.64 22.78 4.05
CA PRO A 48 32.86 22.15 2.75
C PRO A 48 34.30 22.14 2.24
N ILE A 49 35.25 22.55 3.07
CA ILE A 49 36.63 22.61 2.62
C ILE A 49 37.50 21.47 3.11
N ILE A 50 38.00 20.72 2.14
CA ILE A 50 38.86 19.58 2.36
C ILE A 50 40.23 20.05 2.88
N SER A 51 40.74 19.39 3.92
CA SER A 51 42.03 19.73 4.52
C SER A 51 42.58 18.59 5.36
N ARG A 52 43.81 18.72 5.84
CA ARG A 52 44.40 17.66 6.66
C ARG A 52 43.68 17.52 8.00
N LYS A 53 42.90 18.52 8.37
CA LYS A 53 42.16 18.45 9.63
C LYS A 53 41.00 17.46 9.54
N ASP A 54 40.81 16.87 8.35
CA ASP A 54 39.77 15.87 8.15
C ASP A 54 40.26 14.55 8.72
N ILE A 55 41.56 14.48 9.02
CA ILE A 55 42.18 13.30 9.62
C ILE A 55 42.53 13.68 11.08
N THR A 56 41.97 12.94 12.03
CA THR A 56 42.15 13.14 13.47
C THR A 56 43.48 12.66 14.06
N GLY A 57 43.97 11.52 13.60
CA GLY A 57 45.22 11.00 14.14
C GLY A 57 46.51 11.52 13.53
N LYS A 58 47.52 10.66 13.56
CA LYS A 58 48.83 10.95 13.01
C LYS A 58 48.79 10.62 11.54
N LEU A 59 49.30 11.51 10.70
CA LEU A 59 49.33 11.23 9.28
C LEU A 59 50.50 10.29 9.03
N LYS A 60 50.46 9.56 7.92
CA LYS A 60 51.55 8.64 7.58
C LYS A 60 52.77 9.43 7.08
N ASP A 61 52.51 10.44 6.24
CA ASP A 61 53.55 11.29 5.66
C ASP A 61 53.10 12.75 5.81
N PRO A 62 53.30 13.34 7.00
CA PRO A 62 52.91 14.73 7.28
C PRO A 62 53.61 15.82 6.46
N ALA A 63 54.83 15.56 6.00
CA ALA A 63 55.57 16.56 5.22
C ALA A 63 55.13 16.58 3.76
N ASN A 64 54.45 15.53 3.32
CA ASN A 64 53.97 15.41 1.95
C ASN A 64 52.55 14.86 2.01
N PHE A 65 51.60 15.71 2.41
CA PHE A 65 50.20 15.32 2.55
C PHE A 65 49.47 15.04 1.23
N GLN A 66 48.91 13.83 1.12
CA GLN A 66 48.15 13.37 -0.05
C GLN A 66 46.76 13.05 0.49
N TYR A 67 45.77 13.89 0.17
CA TYR A 67 44.43 13.68 0.68
C TYR A 67 43.83 12.29 0.46
N PRO A 68 43.84 11.79 -0.80
CA PRO A 68 43.29 10.47 -1.13
C PRO A 68 43.78 9.32 -0.24
N ALA A 69 45.09 9.14 -0.16
CA ALA A 69 45.64 8.05 0.65
C ALA A 69 45.48 8.25 2.16
N GLU A 70 45.73 9.47 2.63
CA GLU A 70 45.62 9.75 4.05
C GLU A 70 44.18 9.58 4.53
N SER A 71 43.23 10.08 3.74
CA SER A 71 41.80 9.97 4.09
C SER A 71 41.34 8.52 4.08
N VAL A 72 41.82 7.72 3.11
CA VAL A 72 41.46 6.30 3.03
C VAL A 72 41.98 5.59 4.27
N LEU A 73 43.24 5.82 4.60
CA LEU A 73 43.85 5.21 5.78
C LEU A 73 43.11 5.62 7.05
N ALA A 74 42.67 6.89 7.12
CA ALA A 74 41.94 7.35 8.29
C ALA A 74 40.57 6.64 8.33
N TYR A 75 40.01 6.39 7.16
CA TYR A 75 38.73 5.72 7.13
C TYR A 75 38.86 4.31 7.73
N LYS A 76 39.85 3.57 7.24
CA LYS A 76 40.08 2.21 7.71
C LYS A 76 40.54 2.06 9.15
N GLU A 77 41.25 3.03 9.70
CA GLU A 77 41.72 2.94 11.09
C GLU A 77 40.78 3.61 12.08
N GLY A 78 39.75 4.27 11.55
CA GLY A 78 38.79 4.93 12.41
C GLY A 78 39.11 6.31 12.92
N HIS A 79 39.84 7.12 12.15
CA HIS A 79 40.10 8.47 12.64
C HIS A 79 39.86 9.60 11.64
N LEU A 80 38.66 9.60 11.06
CA LEU A 80 38.25 10.68 10.16
C LEU A 80 37.59 11.67 11.10
N SER A 81 37.56 12.95 10.73
CA SER A 81 36.93 13.95 11.58
C SER A 81 35.52 13.43 11.93
N PRO A 82 35.08 13.64 13.17
CA PRO A 82 33.75 13.15 13.54
C PRO A 82 32.54 13.74 12.78
N ASP A 83 32.65 14.95 12.23
CA ASP A 83 31.52 15.53 11.48
C ASP A 83 31.39 14.80 10.14
N ILE A 84 32.51 14.35 9.60
CA ILE A 84 32.50 13.58 8.35
C ILE A 84 31.86 12.21 8.61
N VAL A 85 32.29 11.57 9.71
CA VAL A 85 31.78 10.24 10.07
C VAL A 85 30.28 10.22 10.30
N ALA A 86 29.73 11.30 10.85
CA ALA A 86 28.29 11.38 11.09
C ALA A 86 27.53 11.36 9.77
N GLU A 87 28.09 11.97 8.73
CA GLU A 87 27.46 11.98 7.41
C GLU A 87 27.57 10.60 6.75
N GLN A 88 28.73 9.98 6.89
CA GLN A 88 28.95 8.67 6.33
C GLN A 88 27.97 7.68 6.94
N LYS A 89 27.70 7.85 8.25
CA LYS A 89 26.76 6.98 8.95
C LYS A 89 25.34 7.17 8.38
N LYS A 90 25.00 8.39 7.98
CA LYS A 90 23.69 8.66 7.41
C LYS A 90 23.55 7.98 6.04
N LEU A 91 24.62 8.04 5.25
CA LEU A 91 24.64 7.41 3.93
C LEU A 91 24.50 5.90 4.01
N GLU A 92 25.25 5.28 4.91
CA GLU A 92 25.19 3.83 5.08
C GLU A 92 23.80 3.40 5.45
N ALA A 93 23.13 4.21 6.26
CA ALA A 93 21.78 3.88 6.71
C ALA A 93 20.72 4.01 5.63
N ALA A 94 20.91 4.95 4.71
CA ALA A 94 19.94 5.24 3.65
C ALA A 94 19.88 4.31 2.44
N ASP A 95 18.66 4.13 1.94
CA ASP A 95 18.39 3.32 0.76
C ASP A 95 18.24 4.31 -0.37
N LEU A 96 17.53 5.39 -0.08
CA LEU A 96 17.28 6.47 -1.05
C LEU A 96 17.93 7.76 -0.60
N VAL A 97 18.63 8.41 -1.53
CA VAL A 97 19.30 9.68 -1.24
C VAL A 97 18.84 10.73 -2.25
N ILE A 98 18.23 11.80 -1.74
CA ILE A 98 17.72 12.91 -2.55
C ILE A 98 18.57 14.14 -2.35
N PHE A 99 18.97 14.76 -3.47
CA PHE A 99 19.77 15.97 -3.42
C PHE A 99 18.94 17.12 -3.94
N GLN A 100 18.58 18.05 -3.05
CA GLN A 100 17.77 19.22 -3.41
C GLN A 100 18.64 20.47 -3.47
N PHE A 101 18.67 21.14 -4.63
CA PHE A 101 19.48 22.34 -4.77
C PHE A 101 19.20 23.19 -6.02
N PRO A 102 19.51 24.48 -5.95
CA PRO A 102 19.30 25.35 -7.09
C PRO A 102 20.55 25.20 -7.95
N LEU A 103 20.40 25.19 -9.27
CA LEU A 103 21.56 25.06 -10.15
C LEU A 103 22.37 26.35 -10.00
N GLN A 104 23.67 26.22 -9.78
CA GLN A 104 24.51 27.39 -9.65
C GLN A 104 25.74 27.20 -10.52
N TRP A 105 25.88 28.12 -11.48
CA TRP A 105 26.97 28.07 -12.45
C TRP A 105 27.05 26.66 -13.01
N PHE A 106 25.92 26.25 -13.57
CA PHE A 106 25.72 24.97 -14.24
C PHE A 106 26.25 23.76 -13.48
N GLY A 107 26.13 23.82 -12.17
CA GLY A 107 26.57 22.72 -11.35
C GLY A 107 25.93 22.76 -9.99
N VAL A 108 26.54 22.02 -9.08
CA VAL A 108 26.09 21.91 -7.71
C VAL A 108 26.66 23.09 -6.91
N PRO A 109 25.92 23.59 -5.89
CA PRO A 109 26.44 24.71 -5.10
C PRO A 109 27.76 24.32 -4.42
N ALA A 110 28.64 25.28 -4.18
CA ALA A 110 29.93 24.97 -3.54
C ALA A 110 29.80 24.15 -2.25
N ILE A 111 28.80 24.44 -1.44
CA ILE A 111 28.65 23.72 -0.18
C ILE A 111 28.29 22.23 -0.34
N LEU A 112 27.63 21.88 -1.45
CA LEU A 112 27.28 20.48 -1.71
C LEU A 112 28.48 19.77 -2.33
N LYS A 113 29.21 20.48 -3.18
CA LYS A 113 30.40 19.91 -3.82
C LYS A 113 31.41 19.56 -2.73
N GLY A 114 31.51 20.40 -1.70
CA GLY A 114 32.43 20.16 -0.60
C GLY A 114 32.00 18.98 0.25
N TRP A 115 30.69 18.73 0.27
CA TRP A 115 30.12 17.62 1.01
C TRP A 115 30.55 16.31 0.34
N PHE A 116 30.51 16.26 -1.00
CA PHE A 116 30.93 15.07 -1.75
C PHE A 116 32.43 14.82 -1.52
N GLU A 117 33.22 15.88 -1.62
CA GLU A 117 34.65 15.75 -1.47
C GLU A 117 35.07 15.25 -0.08
N ARG A 118 34.42 15.76 0.96
CA ARG A 118 34.77 15.32 2.31
C ARG A 118 34.11 14.01 2.75
N VAL A 119 32.90 13.75 2.28
CA VAL A 119 32.17 12.55 2.69
C VAL A 119 32.40 11.28 1.86
N PHE A 120 32.48 11.41 0.54
CA PHE A 120 32.70 10.26 -0.35
C PHE A 120 34.18 9.87 -0.36
N ILE A 121 34.64 9.30 0.75
CA ILE A 121 36.03 8.89 0.91
C ILE A 121 36.30 7.53 0.26
N GLY A 122 37.53 7.32 -0.19
CA GLY A 122 37.89 6.06 -0.83
C GLY A 122 37.62 4.86 0.07
N GLU A 123 37.33 3.70 -0.55
CA GLU A 123 37.05 2.47 0.18
C GLU A 123 35.62 2.51 0.74
N PHE A 124 35.27 3.62 1.38
CA PHE A 124 33.94 3.80 1.94
C PHE A 124 32.91 3.99 0.83
N ALA A 125 33.16 4.95 -0.05
CA ALA A 125 32.25 5.29 -1.15
C ALA A 125 32.61 4.71 -2.52
N TYR A 126 33.88 4.36 -2.72
CA TYR A 126 34.29 3.78 -3.99
C TYR A 126 35.55 2.94 -3.90
N THR A 127 35.74 2.08 -4.89
CA THR A 127 36.89 1.20 -4.99
C THR A 127 37.32 1.12 -6.44
N TYR A 128 38.62 1.20 -6.72
CA TYR A 128 39.09 1.11 -8.09
C TYR A 128 38.90 -0.33 -8.57
N ALA A 129 38.75 -1.25 -7.62
CA ALA A 129 38.55 -2.67 -7.94
C ALA A 129 37.07 -2.99 -8.24
N ALA A 130 36.18 -2.09 -7.82
CA ALA A 130 34.76 -2.28 -8.06
C ALA A 130 34.11 -0.94 -8.39
N MET A 131 34.47 -0.41 -9.56
CA MET A 131 33.94 0.87 -10.02
C MET A 131 32.51 0.79 -10.54
N TYR A 132 31.88 1.95 -10.63
CA TYR A 132 30.52 2.05 -11.15
C TYR A 132 29.50 1.02 -10.66
N ASP A 133 28.85 0.27 -11.54
CA ASP A 133 27.82 -0.65 -11.05
C ASP A 133 28.17 -1.67 -9.96
N LYS A 134 29.45 -1.88 -9.67
CA LYS A 134 29.81 -2.82 -8.60
C LYS A 134 30.34 -2.05 -7.38
N GLY A 135 30.08 -0.74 -7.34
CA GLY A 135 30.53 0.10 -6.24
C GLY A 135 29.85 -0.19 -4.93
N PRO A 136 30.31 0.41 -3.81
CA PRO A 136 29.72 0.21 -2.49
C PRO A 136 28.23 0.58 -2.34
N PHE A 137 27.76 1.55 -3.12
CA PHE A 137 26.38 2.00 -3.02
C PHE A 137 25.44 1.42 -4.07
N ARG A 138 25.83 0.26 -4.62
CA ARG A 138 25.05 -0.43 -5.65
C ARG A 138 23.63 -0.85 -5.25
N SER A 139 23.37 -0.93 -3.95
CA SER A 139 22.03 -1.29 -3.48
C SER A 139 21.22 -0.03 -3.12
N LYS A 140 21.80 1.14 -3.39
CA LYS A 140 21.15 2.42 -3.12
C LYS A 140 20.74 3.12 -4.42
N LYS A 141 19.81 4.06 -4.29
CA LYS A 141 19.32 4.85 -5.42
C LYS A 141 19.45 6.32 -5.07
N ALA A 142 19.86 7.14 -6.03
CA ALA A 142 20.02 8.59 -5.82
C ALA A 142 19.18 9.38 -6.83
N VAL A 143 18.75 10.57 -6.43
CA VAL A 143 17.95 11.44 -7.28
C VAL A 143 18.33 12.91 -7.08
N LEU A 144 18.43 13.65 -8.17
CA LEU A 144 18.71 15.08 -8.09
C LEU A 144 17.41 15.84 -8.32
N SER A 145 17.10 16.79 -7.43
CA SER A 145 15.93 17.64 -7.59
C SER A 145 16.52 19.05 -7.72
N ILE A 146 16.50 19.58 -8.94
CA ILE A 146 17.10 20.87 -9.23
C ILE A 146 16.13 21.97 -9.62
N THR A 147 16.45 23.20 -9.21
CA THR A 147 15.63 24.36 -9.58
C THR A 147 16.58 25.27 -10.36
N THR A 148 16.02 26.00 -11.30
CA THR A 148 16.84 26.88 -12.13
C THR A 148 16.28 28.26 -12.39
N GLY A 149 17.16 29.13 -12.87
CA GLY A 149 16.76 30.47 -13.23
C GLY A 149 16.31 30.46 -14.69
N GLY A 150 17.17 29.93 -15.55
CA GLY A 150 16.86 29.86 -16.97
C GLY A 150 15.71 28.93 -17.31
N SER A 151 14.97 29.26 -18.35
CA SER A 151 13.85 28.43 -18.78
C SER A 151 14.31 27.14 -19.44
N GLY A 152 13.41 26.18 -19.51
CA GLY A 152 13.71 24.88 -20.10
C GLY A 152 14.16 24.95 -21.55
N SER A 153 13.63 25.90 -22.31
CA SER A 153 14.01 26.04 -23.72
C SER A 153 15.49 26.41 -23.84
N MET A 154 15.97 27.24 -22.93
CA MET A 154 17.38 27.65 -22.92
C MET A 154 18.29 26.44 -22.78
N TYR A 155 17.76 25.36 -22.19
CA TYR A 155 18.50 24.11 -21.96
C TYR A 155 18.17 22.95 -22.90
N SER A 156 17.39 23.22 -23.94
CA SER A 156 17.04 22.20 -24.92
C SER A 156 18.19 22.06 -25.92
N LEU A 157 18.09 21.13 -26.87
CA LEU A 157 19.15 20.94 -27.84
C LEU A 157 19.48 22.23 -28.62
N GLN A 158 18.48 23.08 -28.84
CA GLN A 158 18.71 24.33 -29.56
C GLN A 158 18.74 25.60 -28.69
N GLY A 159 18.77 25.44 -27.36
CA GLY A 159 18.82 26.60 -26.47
C GLY A 159 20.24 27.12 -26.33
N ILE A 160 20.42 28.42 -26.05
CA ILE A 160 21.76 29.00 -25.90
C ILE A 160 22.64 28.33 -24.86
N HIS A 161 22.04 27.81 -23.80
CA HIS A 161 22.84 27.16 -22.77
C HIS A 161 23.33 25.77 -23.19
N GLY A 162 22.61 25.15 -24.12
CA GLY A 162 23.00 23.83 -24.56
C GLY A 162 22.22 22.76 -23.83
N ASP A 163 22.47 21.51 -24.22
CA ASP A 163 21.78 20.37 -23.66
C ASP A 163 21.99 20.11 -22.15
N MET A 164 20.90 20.17 -21.40
CA MET A 164 20.94 19.93 -19.97
C MET A 164 21.52 18.54 -19.65
N ASN A 165 21.37 17.60 -20.59
CA ASN A 165 21.90 16.24 -20.39
C ASN A 165 23.42 16.23 -20.21
N VAL A 166 24.09 17.17 -20.88
CA VAL A 166 25.53 17.29 -20.81
C VAL A 166 25.94 17.84 -19.43
N ILE A 167 25.15 18.79 -18.93
CA ILE A 167 25.39 19.40 -17.63
C ILE A 167 25.22 18.38 -16.51
N LEU A 168 24.23 17.51 -16.64
CA LEU A 168 23.93 16.49 -15.63
C LEU A 168 24.95 15.34 -15.52
N TRP A 169 25.54 14.97 -16.65
CA TRP A 169 26.49 13.86 -16.71
C TRP A 169 27.62 13.79 -15.66
N PRO A 170 28.41 14.86 -15.50
CA PRO A 170 29.51 14.85 -14.52
C PRO A 170 29.04 14.47 -13.12
N ILE A 171 27.84 14.93 -12.74
CA ILE A 171 27.28 14.65 -11.41
C ILE A 171 26.69 13.24 -11.29
N GLN A 172 25.76 12.92 -12.18
CA GLN A 172 25.09 11.63 -12.15
C GLN A 172 25.99 10.44 -12.47
N SER A 173 26.83 10.56 -13.50
CA SER A 173 27.71 9.45 -13.81
C SER A 173 29.01 9.50 -12.99
N GLY A 174 29.68 10.64 -13.04
CA GLY A 174 30.95 10.79 -12.34
C GLY A 174 30.93 10.70 -10.82
N ILE A 175 29.96 11.32 -10.17
CA ILE A 175 29.94 11.29 -8.72
C ILE A 175 29.09 10.16 -8.17
N LEU A 176 27.81 10.15 -8.54
CA LEU A 176 26.88 9.16 -8.04
C LEU A 176 27.05 7.73 -8.53
N HIS A 177 27.03 7.52 -9.84
CA HIS A 177 27.15 6.18 -10.39
C HIS A 177 28.53 5.56 -10.15
N PHE A 178 29.57 6.37 -10.17
CA PHE A 178 30.93 5.87 -9.94
C PHE A 178 31.01 5.13 -8.60
N CYS A 179 30.19 5.56 -7.64
CA CYS A 179 30.15 4.95 -6.32
C CYS A 179 29.20 3.76 -6.26
N GLY A 180 28.51 3.50 -7.36
CA GLY A 180 27.59 2.37 -7.40
C GLY A 180 26.12 2.69 -7.37
N PHE A 181 25.78 3.96 -7.13
CA PHE A 181 24.39 4.37 -7.08
C PHE A 181 23.61 4.07 -8.37
N GLN A 182 22.36 3.68 -8.20
CA GLN A 182 21.47 3.50 -9.32
C GLN A 182 20.89 4.92 -9.34
N VAL A 183 21.06 5.64 -10.45
CA VAL A 183 20.59 7.01 -10.54
C VAL A 183 19.23 7.12 -11.23
N LEU A 184 18.23 7.65 -10.50
CA LEU A 184 16.88 7.81 -11.04
C LEU A 184 16.74 9.12 -11.80
N GLU A 185 15.63 9.26 -12.54
CA GLU A 185 15.37 10.47 -13.31
C GLU A 185 15.37 11.71 -12.44
N PRO A 186 16.06 12.77 -12.89
CA PRO A 186 16.10 14.00 -12.10
C PRO A 186 14.79 14.76 -12.11
N GLN A 187 14.52 15.49 -11.04
CA GLN A 187 13.34 16.32 -10.96
C GLN A 187 13.86 17.71 -11.33
N LEU A 188 13.50 18.17 -12.53
CA LEU A 188 13.95 19.47 -13.00
C LEU A 188 12.83 20.49 -12.98
N THR A 189 12.99 21.57 -12.21
CA THR A 189 11.97 22.60 -12.19
C THR A 189 12.60 23.91 -12.70
N TYR A 190 12.38 24.16 -13.98
CA TYR A 190 12.93 25.32 -14.68
C TYR A 190 12.34 26.70 -14.36
N SER A 191 13.17 27.72 -14.47
CA SER A 191 12.77 29.11 -14.24
C SER A 191 11.71 29.26 -13.15
N ILE A 192 12.02 28.77 -11.96
CA ILE A 192 11.07 28.82 -10.87
C ILE A 192 10.75 30.25 -10.45
N GLY A 193 11.64 31.18 -10.78
CA GLY A 193 11.42 32.57 -10.43
C GLY A 193 10.40 33.27 -11.31
N HIS A 194 10.00 32.64 -12.40
CA HIS A 194 9.04 33.22 -13.31
C HIS A 194 7.80 32.34 -13.41
N THR A 195 7.63 31.44 -12.46
CA THR A 195 6.50 30.53 -12.45
C THR A 195 5.34 31.10 -11.61
N PRO A 196 4.12 31.12 -12.18
CA PRO A 196 2.93 31.63 -11.50
C PRO A 196 2.68 30.92 -10.17
N ALA A 197 2.13 31.65 -9.21
CA ALA A 197 1.84 31.13 -7.88
C ALA A 197 1.11 29.79 -7.88
N ASP A 198 0.13 29.63 -8.75
CA ASP A 198 -0.62 28.39 -8.79
C ASP A 198 0.19 27.27 -9.43
N ALA A 199 1.05 27.61 -10.38
CA ALA A 199 1.88 26.61 -11.03
C ALA A 199 2.88 26.05 -10.00
N ARG A 200 3.33 26.93 -9.12
CA ARG A 200 4.27 26.58 -8.06
C ARG A 200 3.65 25.60 -7.07
N ILE A 201 2.34 25.71 -6.88
CA ILE A 201 1.60 24.82 -5.99
C ILE A 201 1.58 23.40 -6.58
N GLN A 202 1.37 23.31 -7.89
CA GLN A 202 1.33 22.03 -8.61
C GLN A 202 2.69 21.36 -8.61
N ILE A 203 3.74 22.15 -8.80
CA ILE A 203 5.10 21.62 -8.79
C ILE A 203 5.34 20.85 -7.49
N LEU A 204 5.00 21.47 -6.36
CA LEU A 204 5.19 20.81 -5.07
C LEU A 204 4.35 19.54 -4.98
N GLU A 205 3.12 19.59 -5.49
CA GLU A 205 2.23 18.42 -5.44
C GLU A 205 2.69 17.29 -6.35
N GLY A 206 3.26 17.66 -7.50
CA GLY A 206 3.73 16.65 -8.43
C GLY A 206 4.96 15.94 -7.92
N TRP A 207 5.75 16.64 -7.10
CA TRP A 207 6.97 16.07 -6.52
C TRP A 207 6.58 15.03 -5.47
N LYS A 208 5.66 15.39 -4.59
CA LYS A 208 5.19 14.49 -3.53
C LYS A 208 4.54 13.26 -4.15
N LYS A 209 3.87 13.49 -5.26
CA LYS A 209 3.17 12.43 -5.98
C LYS A 209 4.17 11.39 -6.51
N ARG A 210 5.23 11.87 -7.15
CA ARG A 210 6.26 11.01 -7.70
C ARG A 210 6.96 10.17 -6.64
N LEU A 211 7.20 10.75 -5.48
CA LEU A 211 7.88 10.03 -4.40
C LEU A 211 7.09 8.85 -3.82
N GLU A 212 5.82 8.76 -4.16
CA GLU A 212 4.98 7.66 -3.68
C GLU A 212 5.39 6.31 -4.28
N ASN A 213 5.97 6.34 -5.47
CA ASN A 213 6.41 5.11 -6.18
C ASN A 213 7.84 5.25 -6.67
N ILE A 214 8.60 6.11 -6.01
CA ILE A 214 9.99 6.36 -6.39
C ILE A 214 10.89 5.10 -6.46
N TRP A 215 10.80 4.24 -5.45
CA TRP A 215 11.65 3.06 -5.41
C TRP A 215 11.42 2.02 -6.51
N ASP A 216 10.28 2.08 -7.18
CA ASP A 216 9.99 1.13 -8.26
C ASP A 216 10.34 1.63 -9.64
N GLU A 217 10.87 2.85 -9.73
CA GLU A 217 11.23 3.41 -11.03
C GLU A 217 12.42 2.71 -11.64
N THR A 218 12.52 2.76 -12.97
CA THR A 218 13.65 2.15 -13.64
C THR A 218 14.71 3.25 -13.70
N PRO A 219 15.94 2.95 -13.29
CA PRO A 219 17.02 3.92 -13.30
C PRO A 219 17.51 4.33 -14.68
N LEU A 220 18.26 5.43 -14.74
CA LEU A 220 18.83 5.95 -15.98
C LEU A 220 19.85 4.94 -16.52
N TYR A 221 20.18 5.02 -17.80
CA TYR A 221 21.13 4.07 -18.40
C TYR A 221 22.57 4.54 -18.50
N PHE A 222 23.48 3.72 -17.97
CA PHE A 222 24.93 3.96 -18.03
C PHE A 222 25.49 2.64 -18.59
N ALA A 223 26.56 2.74 -19.38
CA ALA A 223 27.17 1.54 -19.96
C ALA A 223 27.68 0.66 -18.83
N PRO A 224 27.26 -0.62 -18.77
CA PRO A 224 27.73 -1.49 -17.69
C PRO A 224 29.25 -1.69 -17.70
N SER A 225 29.80 -1.92 -16.51
CA SER A 225 31.25 -2.10 -16.39
C SER A 225 31.71 -3.38 -17.09
N SER A 226 30.80 -4.32 -17.30
CA SER A 226 31.15 -5.58 -17.97
C SER A 226 31.63 -5.36 -19.40
N LEU A 227 31.47 -4.14 -19.91
CA LEU A 227 31.89 -3.82 -21.26
C LEU A 227 33.34 -3.33 -21.30
N PHE A 228 33.91 -3.06 -20.14
CA PHE A 228 35.27 -2.53 -20.04
C PHE A 228 36.30 -3.48 -19.45
N ASP A 229 37.55 -3.31 -19.86
CA ASP A 229 38.66 -4.12 -19.36
C ASP A 229 39.07 -3.52 -18.03
N LEU A 230 38.57 -4.10 -16.95
CA LEU A 230 38.82 -3.61 -15.60
C LEU A 230 40.21 -3.84 -15.02
N ASN A 231 41.25 -3.39 -15.72
CA ASN A 231 42.60 -3.53 -15.19
C ASN A 231 43.46 -2.40 -15.72
N PHE A 232 44.36 -1.91 -14.88
CA PHE A 232 45.24 -0.80 -15.22
C PHE A 232 45.98 -0.91 -16.56
N GLN A 233 46.70 -2.01 -16.77
CA GLN A 233 47.46 -2.18 -18.01
C GLN A 233 46.63 -2.07 -19.29
N ALA A 234 45.34 -2.38 -19.21
CA ALA A 234 44.47 -2.28 -20.38
C ALA A 234 43.98 -0.84 -20.54
N GLY A 235 44.23 -0.01 -19.52
CA GLY A 235 43.80 1.37 -19.56
C GLY A 235 42.31 1.59 -19.35
N PHE A 236 41.61 0.57 -18.85
CA PHE A 236 40.18 0.66 -18.60
C PHE A 236 39.43 1.05 -19.86
N LEU A 237 39.81 0.45 -20.98
CA LEU A 237 39.16 0.72 -22.24
C LEU A 237 38.17 -0.39 -22.52
N MET A 238 37.20 -0.10 -23.39
CA MET A 238 36.19 -1.08 -23.76
C MET A 238 36.86 -2.32 -24.33
N LYS A 239 36.32 -3.49 -24.02
CA LYS A 239 36.89 -4.73 -24.54
C LYS A 239 36.66 -4.71 -26.06
N LYS A 240 37.66 -5.16 -26.81
CA LYS A 240 37.56 -5.19 -28.28
C LYS A 240 36.28 -5.83 -28.83
N GLU A 241 35.93 -7.01 -28.31
CA GLU A 241 34.73 -7.71 -28.75
C GLU A 241 33.54 -6.75 -28.75
N VAL A 242 33.42 -6.00 -27.66
CA VAL A 242 32.35 -5.02 -27.48
C VAL A 242 32.52 -3.84 -28.45
N GLN A 243 33.75 -3.37 -28.56
CA GLN A 243 34.09 -2.24 -29.41
C GLN A 243 33.66 -2.49 -30.86
N ASP A 244 33.91 -3.70 -31.35
CA ASP A 244 33.54 -4.07 -32.71
C ASP A 244 32.04 -4.19 -32.91
N GLU A 245 31.36 -4.89 -31.99
CA GLU A 245 29.92 -5.04 -32.07
C GLU A 245 29.21 -3.69 -32.12
N GLU A 246 29.84 -2.66 -31.54
CA GLU A 246 29.27 -1.32 -31.49
C GLU A 246 29.51 -0.50 -32.76
N LYS A 247 30.45 -0.94 -33.58
CA LYS A 247 30.78 -0.23 -34.82
C LYS A 247 29.65 -0.14 -35.84
N ASN A 248 28.66 -1.01 -35.74
CA ASN A 248 27.56 -0.99 -36.69
C ASN A 248 26.30 -0.40 -36.08
N LYS A 249 26.43 0.07 -34.85
CA LYS A 249 25.32 0.66 -34.13
C LYS A 249 25.22 2.12 -34.50
N LYS A 250 23.99 2.62 -34.65
CA LYS A 250 23.76 4.01 -35.01
C LYS A 250 24.08 4.97 -33.84
N PHE A 251 23.56 4.65 -32.66
CA PHE A 251 23.74 5.47 -31.46
C PHE A 251 24.87 5.07 -30.53
N GLY A 252 25.39 6.04 -29.80
CA GLY A 252 26.43 5.78 -28.81
C GLY A 252 25.72 5.12 -27.65
N LEU A 253 26.40 4.88 -26.54
CA LEU A 253 25.75 4.23 -25.39
C LEU A 253 25.10 5.21 -24.40
N SER A 254 25.75 6.35 -24.21
CA SER A 254 25.26 7.37 -23.29
C SER A 254 25.92 8.71 -23.62
N VAL A 255 25.73 9.69 -22.75
CA VAL A 255 26.30 11.02 -22.94
C VAL A 255 27.83 10.95 -22.95
N GLY A 256 28.40 10.32 -21.94
CA GLY A 256 29.85 10.24 -21.86
C GLY A 256 30.43 9.23 -22.83
N HIS A 257 29.69 8.16 -23.05
CA HIS A 257 30.10 7.11 -23.98
C HIS A 257 29.33 7.23 -25.29
N HIS A 258 29.43 8.41 -25.89
CA HIS A 258 28.79 8.71 -27.17
C HIS A 258 29.56 8.09 -28.35
N LEU A 259 30.82 7.75 -28.09
CA LEU A 259 31.71 7.12 -29.06
C LEU A 259 31.85 7.84 -30.39
N GLY A 260 31.49 9.13 -30.43
CA GLY A 260 31.60 9.86 -31.69
C GLY A 260 30.30 9.83 -32.48
N LYS A 261 29.33 9.08 -31.97
CA LYS A 261 28.03 8.95 -32.62
C LYS A 261 26.97 9.82 -31.93
N SER A 262 25.72 9.59 -32.29
CA SER A 262 24.60 10.33 -31.74
C SER A 262 24.23 9.85 -30.35
N ILE A 263 24.09 10.80 -29.43
CA ILE A 263 23.72 10.51 -28.05
C ILE A 263 22.23 10.23 -27.96
N PRO A 264 21.84 9.05 -27.45
CA PRO A 264 20.40 8.80 -27.35
C PRO A 264 19.69 9.94 -26.61
N THR A 265 18.50 10.30 -27.07
CA THR A 265 17.73 11.42 -26.49
C THR A 265 17.51 11.32 -24.98
N ASP A 266 17.75 12.44 -24.30
CA ASP A 266 17.56 12.53 -22.86
C ASP A 266 18.14 11.34 -22.10
N ASN A 267 19.38 10.96 -22.40
CA ASN A 267 20.02 9.85 -21.72
C ASN A 267 20.15 10.12 -20.21
N GLN A 268 20.36 11.39 -19.85
CA GLN A 268 20.52 11.75 -18.45
C GLN A 268 19.26 12.31 -17.81
N ILE A 269 18.18 12.37 -18.56
CA ILE A 269 16.92 12.91 -18.07
C ILE A 269 15.78 11.89 -18.04
N LYS A 270 15.79 10.95 -18.98
CA LYS A 270 14.74 9.94 -19.03
C LYS A 270 15.32 8.53 -19.03
N ALA A 271 14.68 7.64 -18.29
CA ALA A 271 15.14 6.25 -18.21
C ALA A 271 14.76 5.49 -19.45
N ARG A 272 14.99 4.18 -19.43
CA ARG A 272 14.68 3.30 -20.56
C ARG A 272 15.79 3.42 -21.58
N LYS A 273 16.65 2.42 -21.64
CA LYS A 273 17.78 2.43 -22.58
C LYS A 273 18.49 1.09 -22.70
N ALA B 1 -21.52 -50.42 21.13
CA ALA B 1 -20.84 -49.39 20.30
C ALA B 1 -21.59 -49.15 18.99
N GLY B 2 -20.86 -48.67 17.99
CA GLY B 2 -21.46 -48.40 16.69
C GLY B 2 -20.54 -48.81 15.55
N ARG B 3 -21.13 -49.37 14.48
CA ARG B 3 -20.37 -49.81 13.31
C ARG B 3 -20.64 -48.93 12.10
N ARG B 4 -21.82 -48.32 12.02
CA ARG B 4 -22.20 -47.50 10.87
C ARG B 4 -22.25 -45.98 11.10
N ALA B 5 -21.63 -45.25 10.16
CA ALA B 5 -21.58 -43.80 10.23
C ALA B 5 -22.05 -43.16 8.93
N LEU B 6 -22.78 -42.05 9.05
CA LEU B 6 -23.27 -41.28 7.89
C LEU B 6 -22.66 -39.89 7.98
N ILE B 7 -22.05 -39.45 6.90
CA ILE B 7 -21.44 -38.12 6.87
C ILE B 7 -22.21 -37.26 5.88
N VAL B 8 -22.86 -36.20 6.38
CA VAL B 8 -23.61 -35.29 5.52
C VAL B 8 -22.74 -34.07 5.25
N LEU B 9 -22.38 -33.87 3.99
CA LEU B 9 -21.51 -32.77 3.60
C LEU B 9 -22.28 -31.69 2.84
N ALA B 10 -22.08 -30.42 3.22
CA ALA B 10 -22.73 -29.31 2.53
C ALA B 10 -21.73 -28.30 1.98
N HIS B 11 -21.06 -28.69 0.91
CA HIS B 11 -20.10 -27.82 0.26
C HIS B 11 -19.97 -28.31 -1.17
N SER B 12 -20.00 -27.37 -2.12
CA SER B 12 -19.92 -27.73 -3.52
C SER B 12 -18.53 -28.04 -4.07
N GLU B 13 -17.48 -27.61 -3.38
CA GLU B 13 -16.11 -27.80 -3.87
C GLU B 13 -15.29 -28.97 -3.35
N ARG B 14 -14.77 -29.75 -4.28
CA ARG B 14 -13.93 -30.92 -3.96
C ARG B 14 -12.61 -30.44 -3.35
N THR B 15 -12.27 -29.19 -3.64
CA THR B 15 -11.04 -28.58 -3.18
C THR B 15 -11.12 -27.87 -1.82
N SER B 16 -12.31 -27.88 -1.21
CA SER B 16 -12.50 -27.21 0.07
C SER B 16 -11.98 -27.98 1.26
N PHE B 17 -11.79 -27.28 2.37
CA PHE B 17 -11.31 -27.94 3.58
C PHE B 17 -12.45 -28.79 4.10
N ASN B 18 -13.68 -28.41 3.78
CA ASN B 18 -14.82 -29.19 4.20
C ASN B 18 -14.77 -30.57 3.56
N TYR B 19 -14.47 -30.61 2.27
CA TYR B 19 -14.38 -31.89 1.58
C TYR B 19 -13.22 -32.69 2.19
N ALA B 20 -12.10 -32.01 2.46
CA ALA B 20 -10.92 -32.64 3.05
C ALA B 20 -11.26 -33.29 4.40
N MET B 21 -12.05 -32.58 5.20
CA MET B 21 -12.47 -33.08 6.51
C MET B 21 -13.35 -34.31 6.36
N LYS B 22 -14.15 -34.34 5.30
CA LYS B 22 -15.04 -35.46 5.02
C LYS B 22 -14.20 -36.69 4.65
N GLU B 23 -13.18 -36.50 3.83
CA GLU B 23 -12.31 -37.60 3.43
C GLU B 23 -11.54 -38.17 4.63
N ALA B 24 -11.00 -37.30 5.46
CA ALA B 24 -10.24 -37.72 6.64
C ALA B 24 -11.08 -38.52 7.62
N ALA B 25 -12.34 -38.09 7.80
CA ALA B 25 -13.27 -38.77 8.70
C ALA B 25 -13.61 -40.17 8.19
N ALA B 26 -13.88 -40.28 6.90
CA ALA B 26 -14.22 -41.58 6.33
C ALA B 26 -13.04 -42.54 6.41
N ALA B 27 -11.86 -42.07 6.03
CA ALA B 27 -10.66 -42.89 6.08
C ALA B 27 -10.36 -43.39 7.50
N ALA B 28 -10.33 -42.47 8.46
CA ALA B 28 -10.06 -42.84 9.85
C ALA B 28 -11.09 -43.84 10.37
N LEU B 29 -12.37 -43.58 10.12
CA LEU B 29 -13.45 -44.46 10.58
C LEU B 29 -13.39 -45.85 9.96
N LYS B 30 -13.07 -45.92 8.67
CA LYS B 30 -12.97 -47.22 8.01
C LYS B 30 -11.85 -48.05 8.65
N LYS B 31 -10.74 -47.40 8.97
CA LYS B 31 -9.59 -48.07 9.57
C LYS B 31 -9.94 -48.70 10.91
N LYS B 32 -10.86 -48.09 11.65
CA LYS B 32 -11.26 -48.63 12.94
C LYS B 32 -12.43 -49.60 12.80
N GLY B 33 -12.73 -50.00 11.57
CA GLY B 33 -13.78 -50.97 11.34
C GLY B 33 -15.20 -50.50 11.12
N TRP B 34 -15.42 -49.20 10.90
CA TRP B 34 -16.77 -48.69 10.66
C TRP B 34 -17.15 -48.85 9.20
N GLU B 35 -18.46 -48.85 8.97
CA GLU B 35 -19.06 -48.92 7.63
C GLU B 35 -19.38 -47.43 7.44
N VAL B 36 -18.86 -46.80 6.38
CA VAL B 36 -19.11 -45.37 6.18
C VAL B 36 -19.88 -45.00 4.91
N VAL B 37 -20.98 -44.27 5.09
CA VAL B 37 -21.80 -43.83 3.97
C VAL B 37 -21.85 -42.29 3.96
N GLU B 38 -22.01 -41.69 2.78
CA GLU B 38 -22.04 -40.24 2.67
C GLU B 38 -23.28 -39.69 2.01
N SER B 39 -23.54 -38.41 2.26
CA SER B 39 -24.62 -37.64 1.67
C SER B 39 -23.99 -36.32 1.27
N ASP B 40 -23.38 -36.29 0.09
CA ASP B 40 -22.76 -35.09 -0.45
C ASP B 40 -23.90 -34.33 -1.16
N LEU B 41 -24.62 -33.51 -0.40
CA LEU B 41 -25.81 -32.79 -0.91
C LEU B 41 -25.68 -32.12 -2.26
N TYR B 42 -24.55 -31.45 -2.52
CA TYR B 42 -24.36 -30.80 -3.81
C TYR B 42 -24.15 -31.82 -4.93
N ALA B 43 -23.39 -32.88 -4.66
CA ALA B 43 -23.14 -33.94 -5.67
C ALA B 43 -24.45 -34.64 -6.04
N MET B 44 -25.35 -34.74 -5.06
CA MET B 44 -26.65 -35.35 -5.26
C MET B 44 -27.58 -34.35 -5.92
N ASN B 45 -27.14 -33.10 -5.97
CA ASN B 45 -27.96 -32.00 -6.50
C ASN B 45 -29.28 -32.06 -5.73
N PHE B 46 -29.19 -32.23 -4.41
CA PHE B 46 -30.35 -32.35 -3.54
C PHE B 46 -31.32 -31.17 -3.61
N ASN B 47 -32.61 -31.48 -3.68
CA ASN B 47 -33.69 -30.48 -3.73
C ASN B 47 -33.96 -30.05 -2.29
N PRO B 48 -33.59 -28.81 -1.95
CA PRO B 48 -33.78 -28.28 -0.59
C PRO B 48 -35.12 -27.60 -0.31
N ILE B 49 -35.99 -27.54 -1.31
CA ILE B 49 -37.25 -26.85 -1.10
C ILE B 49 -38.47 -27.72 -0.83
N ILE B 50 -39.03 -27.50 0.34
CA ILE B 50 -40.21 -28.20 0.80
C ILE B 50 -41.41 -27.78 -0.06
N SER B 51 -42.20 -28.75 -0.50
CA SER B 51 -43.38 -28.45 -1.31
C SER B 51 -44.28 -29.67 -1.45
N ARG B 52 -45.41 -29.50 -2.13
CA ARG B 52 -46.34 -30.62 -2.29
C ARG B 52 -45.78 -31.74 -3.19
N LYS B 53 -44.67 -31.48 -3.86
CA LYS B 53 -44.01 -32.48 -4.70
C LYS B 53 -43.31 -33.54 -3.85
N ASP B 54 -43.24 -33.31 -2.53
CA ASP B 54 -42.61 -34.26 -1.61
C ASP B 54 -43.57 -35.40 -1.28
N ILE B 55 -44.84 -35.22 -1.65
CA ILE B 55 -45.87 -36.22 -1.43
C ILE B 55 -46.32 -36.76 -2.77
N THR B 56 -46.21 -38.08 -2.91
CA THR B 56 -46.57 -38.79 -4.14
C THR B 56 -48.03 -39.19 -4.26
N GLY B 57 -48.69 -39.41 -3.12
CA GLY B 57 -50.07 -39.82 -3.15
C GLY B 57 -51.08 -38.71 -3.08
N LYS B 58 -52.34 -39.08 -2.87
CA LYS B 58 -53.43 -38.12 -2.78
C LYS B 58 -53.42 -37.42 -1.44
N LEU B 59 -53.45 -36.09 -1.47
CA LEU B 59 -53.46 -35.31 -0.24
C LEU B 59 -54.81 -35.38 0.44
N LYS B 60 -54.81 -35.19 1.75
CA LYS B 60 -56.03 -35.21 2.53
C LYS B 60 -56.85 -33.94 2.32
N ASP B 61 -56.16 -32.83 2.11
CA ASP B 61 -56.81 -31.54 1.91
C ASP B 61 -55.99 -30.75 0.89
N PRO B 62 -56.15 -31.07 -0.39
CA PRO B 62 -55.42 -30.42 -1.49
C PRO B 62 -55.59 -28.91 -1.65
N ALA B 63 -56.78 -28.38 -1.38
CA ALA B 63 -57.03 -26.94 -1.54
C ALA B 63 -56.51 -26.07 -0.38
N ASN B 64 -56.14 -26.72 0.72
CA ASN B 64 -55.60 -26.03 1.88
C ASN B 64 -54.44 -26.87 2.40
N PHE B 65 -53.35 -26.83 1.65
CA PHE B 65 -52.15 -27.60 1.93
C PHE B 65 -51.36 -27.17 3.15
N GLN B 66 -51.13 -28.11 4.06
CA GLN B 66 -50.35 -27.87 5.28
C GLN B 66 -49.27 -28.94 5.34
N TYR B 67 -48.04 -28.54 5.04
CA TYR B 67 -46.93 -29.48 4.99
C TYR B 67 -46.76 -30.45 6.15
N PRO B 68 -46.73 -29.94 7.40
CA PRO B 68 -46.57 -30.84 8.55
C PRO B 68 -47.50 -32.06 8.52
N ALA B 69 -48.80 -31.82 8.53
CA ALA B 69 -49.76 -32.92 8.52
C ALA B 69 -49.70 -33.82 7.29
N GLU B 70 -49.60 -33.22 6.10
CA GLU B 70 -49.57 -34.00 4.86
C GLU B 70 -48.29 -34.83 4.72
N SER B 71 -47.17 -34.30 5.18
CA SER B 71 -45.92 -35.04 5.08
C SER B 71 -45.91 -36.21 6.07
N VAL B 72 -46.44 -36.00 7.27
CA VAL B 72 -46.50 -37.08 8.27
C VAL B 72 -47.40 -38.21 7.73
N LEU B 73 -48.51 -37.83 7.13
CA LEU B 73 -49.46 -38.79 6.55
C LEU B 73 -48.77 -39.58 5.43
N ALA B 74 -47.98 -38.89 4.60
CA ALA B 74 -47.26 -39.54 3.51
C ALA B 74 -46.19 -40.54 4.03
N TYR B 75 -45.56 -40.21 5.15
CA TYR B 75 -44.57 -41.11 5.72
C TYR B 75 -45.28 -42.37 6.21
N LYS B 76 -46.41 -42.17 6.88
CA LYS B 76 -47.18 -43.27 7.43
C LYS B 76 -47.76 -44.20 6.36
N GLU B 77 -48.14 -43.65 5.23
CA GLU B 77 -48.74 -44.43 4.14
C GLU B 77 -47.78 -44.91 3.06
N GLY B 78 -46.52 -44.50 3.18
CA GLY B 78 -45.54 -44.93 2.22
C GLY B 78 -45.47 -44.17 0.91
N HIS B 79 -45.91 -42.92 0.86
CA HIS B 79 -45.78 -42.20 -0.39
C HIS B 79 -45.03 -40.87 -0.37
N LEU B 80 -43.88 -40.88 0.31
CA LEU B 80 -43.02 -39.71 0.35
C LEU B 80 -42.16 -39.80 -0.91
N SER B 81 -41.65 -38.66 -1.34
CA SER B 81 -40.81 -38.61 -2.54
C SER B 81 -39.65 -39.63 -2.40
N PRO B 82 -39.35 -40.39 -3.47
CA PRO B 82 -38.26 -41.39 -3.44
C PRO B 82 -36.91 -40.87 -2.94
N ASP B 83 -36.59 -39.61 -3.22
CA ASP B 83 -35.31 -39.05 -2.79
C ASP B 83 -35.25 -38.81 -1.27
N ILE B 84 -36.41 -38.53 -0.68
CA ILE B 84 -36.51 -38.32 0.76
C ILE B 84 -36.37 -39.69 1.43
N VAL B 85 -37.08 -40.68 0.90
CA VAL B 85 -37.03 -42.04 1.43
C VAL B 85 -35.60 -42.61 1.43
N ALA B 86 -34.84 -42.33 0.37
CA ALA B 86 -33.47 -42.81 0.27
C ALA B 86 -32.59 -42.24 1.38
N GLU B 87 -32.81 -40.98 1.75
CA GLU B 87 -32.04 -40.33 2.82
C GLU B 87 -32.43 -40.86 4.19
N GLN B 88 -33.72 -41.08 4.39
CA GLN B 88 -34.21 -41.62 5.65
C GLN B 88 -33.64 -43.04 5.85
N LYS B 89 -33.44 -43.76 4.75
CA LYS B 89 -32.87 -45.12 4.83
C LYS B 89 -31.46 -45.06 5.39
N LYS B 90 -30.66 -44.13 4.87
CA LYS B 90 -29.29 -43.93 5.34
C LYS B 90 -29.27 -43.55 6.82
N LEU B 91 -30.21 -42.70 7.23
CA LEU B 91 -30.32 -42.26 8.63
C LEU B 91 -30.69 -43.41 9.55
N GLU B 92 -31.58 -44.29 9.09
CA GLU B 92 -32.00 -45.42 9.93
C GLU B 92 -30.85 -46.40 10.17
N ALA B 93 -29.96 -46.53 9.19
CA ALA B 93 -28.85 -47.46 9.34
C ALA B 93 -27.67 -46.91 10.16
N ALA B 94 -27.57 -45.60 10.27
CA ALA B 94 -26.46 -44.98 10.99
C ALA B 94 -26.53 -44.93 12.51
N ASP B 95 -25.37 -45.15 13.14
CA ASP B 95 -25.24 -45.08 14.59
C ASP B 95 -24.72 -43.68 14.88
N LEU B 96 -23.77 -43.23 14.06
CA LEU B 96 -23.15 -41.91 14.19
C LEU B 96 -23.43 -41.07 12.94
N VAL B 97 -23.87 -39.83 13.13
CA VAL B 97 -24.12 -38.91 12.01
C VAL B 97 -23.27 -37.64 12.15
N ILE B 98 -22.44 -37.41 11.16
CA ILE B 98 -21.54 -36.26 11.12
C ILE B 98 -22.03 -35.24 10.11
N PHE B 99 -22.16 -33.99 10.54
CA PHE B 99 -22.59 -32.90 9.69
C PHE B 99 -21.40 -31.98 9.46
N GLN B 100 -20.85 -32.05 8.26
CA GLN B 100 -19.68 -31.27 7.87
C GLN B 100 -20.10 -30.10 7.00
N PHE B 101 -19.92 -28.89 7.51
CA PHE B 101 -20.30 -27.70 6.74
C PHE B 101 -19.63 -26.40 7.17
N PRO B 102 -19.61 -25.42 6.25
CA PRO B 102 -19.02 -24.11 6.55
C PRO B 102 -20.18 -23.30 7.15
N LEU B 103 -19.89 -22.51 8.17
CA LEU B 103 -20.92 -21.68 8.81
C LEU B 103 -21.31 -20.61 7.80
N GLN B 104 -22.62 -20.40 7.60
CA GLN B 104 -23.08 -19.38 6.66
C GLN B 104 -24.19 -18.57 7.30
N TRP B 105 -23.96 -17.27 7.42
CA TRP B 105 -24.89 -16.36 8.08
C TRP B 105 -25.33 -16.91 9.42
N PHE B 106 -24.32 -17.25 10.23
CA PHE B 106 -24.49 -17.79 11.57
C PHE B 106 -25.39 -19.03 11.71
N GLY B 107 -25.40 -19.85 10.67
CA GLY B 107 -26.20 -21.07 10.67
C GLY B 107 -25.74 -22.04 9.60
N VAL B 108 -26.55 -23.06 9.33
CA VAL B 108 -26.21 -24.05 8.31
C VAL B 108 -26.53 -23.56 6.91
N PRO B 109 -25.83 -24.08 5.90
CA PRO B 109 -26.13 -23.64 4.54
C PRO B 109 -27.59 -23.97 4.20
N ALA B 110 -28.20 -23.17 3.33
CA ALA B 110 -29.58 -23.39 2.92
C ALA B 110 -29.83 -24.82 2.43
N ILE B 111 -28.89 -25.40 1.67
CA ILE B 111 -29.09 -26.76 1.14
C ILE B 111 -29.18 -27.79 2.27
N LEU B 112 -28.44 -27.56 3.36
CA LEU B 112 -28.45 -28.43 4.54
C LEU B 112 -29.73 -28.15 5.33
N LYS B 113 -30.14 -26.88 5.42
CA LYS B 113 -31.38 -26.54 6.12
C LYS B 113 -32.54 -27.24 5.40
N GLY B 114 -32.52 -27.23 4.07
CA GLY B 114 -33.57 -27.88 3.29
C GLY B 114 -33.61 -29.39 3.47
N TRP B 115 -32.45 -29.97 3.77
CA TRP B 115 -32.32 -31.42 3.99
C TRP B 115 -33.05 -31.77 5.30
N PHE B 116 -32.82 -30.96 6.34
CA PHE B 116 -33.48 -31.15 7.62
C PHE B 116 -35.00 -31.02 7.43
N GLU B 117 -35.42 -29.96 6.76
CA GLU B 117 -36.83 -29.72 6.51
C GLU B 117 -37.54 -30.84 5.73
N ARG B 118 -36.89 -31.35 4.68
CA ARG B 118 -37.48 -32.42 3.85
C ARG B 118 -37.26 -33.83 4.35
N VAL B 119 -36.18 -34.10 5.07
CA VAL B 119 -35.91 -35.46 5.56
C VAL B 119 -36.39 -35.73 7.00
N PHE B 120 -36.27 -34.75 7.88
CA PHE B 120 -36.71 -34.90 9.27
C PHE B 120 -38.22 -34.69 9.39
N ILE B 121 -38.97 -35.66 8.89
CA ILE B 121 -40.43 -35.61 8.91
C ILE B 121 -41.02 -36.15 10.22
N GLY B 122 -42.14 -35.57 10.65
CA GLY B 122 -42.78 -36.00 11.88
C GLY B 122 -43.00 -37.50 11.88
N GLU B 123 -43.01 -38.10 13.07
CA GLU B 123 -43.18 -39.54 13.24
C GLU B 123 -41.86 -40.28 12.96
N PHE B 124 -41.24 -39.97 11.83
CA PHE B 124 -39.95 -40.56 11.46
C PHE B 124 -38.79 -39.97 12.26
N ALA B 125 -38.70 -38.65 12.33
CA ALA B 125 -37.61 -38.01 13.06
C ALA B 125 -37.98 -37.45 14.43
N TYR B 126 -39.27 -37.20 14.65
CA TYR B 126 -39.70 -36.67 15.95
C TYR B 126 -41.18 -36.92 16.22
N THR B 127 -41.57 -36.75 17.49
CA THR B 127 -42.94 -36.94 17.95
C THR B 127 -43.19 -35.93 19.06
N TYR B 128 -44.37 -35.32 19.09
CA TYR B 128 -44.67 -34.35 20.15
C TYR B 128 -44.87 -35.12 21.46
N ALA B 129 -45.18 -36.41 21.35
CA ALA B 129 -45.38 -37.27 22.53
C ALA B 129 -44.05 -37.73 23.12
N ALA B 130 -42.99 -37.65 22.33
CA ALA B 130 -41.67 -38.06 22.79
C ALA B 130 -40.60 -37.11 22.27
N MET B 131 -40.69 -35.86 22.68
CA MET B 131 -39.73 -34.86 22.25
C MET B 131 -38.39 -35.01 22.94
N TYR B 132 -37.37 -34.42 22.33
CA TYR B 132 -36.03 -34.41 22.88
C TYR B 132 -35.45 -35.77 23.28
N ASP B 133 -34.98 -35.90 24.53
CA ASP B 133 -34.35 -37.14 24.95
C ASP B 133 -35.11 -38.45 24.71
N LYS B 134 -36.41 -38.37 24.46
CA LYS B 134 -37.22 -39.56 24.18
C LYS B 134 -37.46 -39.74 22.68
N GLY B 135 -36.84 -38.89 21.86
CA GLY B 135 -37.02 -38.95 20.42
C GLY B 135 -36.57 -40.22 19.71
N PRO B 136 -36.99 -40.40 18.45
CA PRO B 136 -36.66 -41.57 17.61
C PRO B 136 -35.18 -41.90 17.49
N PHE B 137 -34.32 -40.89 17.51
CA PHE B 137 -32.90 -41.14 17.36
C PHE B 137 -32.11 -41.21 18.68
N ARG B 138 -32.77 -41.66 19.74
CA ARG B 138 -32.16 -41.80 21.08
C ARG B 138 -30.93 -42.68 21.06
N SER B 139 -30.93 -43.67 20.18
CA SER B 139 -29.82 -44.61 20.10
C SER B 139 -28.67 -44.17 19.23
N LYS B 140 -28.82 -43.01 18.59
CA LYS B 140 -27.79 -42.47 17.71
C LYS B 140 -27.09 -41.28 18.33
N LYS B 141 -25.97 -40.88 17.73
CA LYS B 141 -25.19 -39.74 18.17
C LYS B 141 -24.92 -38.86 16.96
N ALA B 142 -24.94 -37.54 17.15
CA ALA B 142 -24.70 -36.59 16.08
C ALA B 142 -23.62 -35.61 16.50
N VAL B 143 -22.84 -35.15 15.52
CA VAL B 143 -21.78 -34.18 15.76
C VAL B 143 -21.71 -33.18 14.62
N LEU B 144 -21.51 -31.90 14.97
CA LEU B 144 -21.36 -30.88 13.95
C LEU B 144 -19.86 -30.63 13.81
N SER B 145 -19.38 -30.58 12.57
CA SER B 145 -17.98 -30.26 12.32
C SER B 145 -18.12 -29.04 11.44
N ILE B 146 -17.89 -27.87 12.04
CA ILE B 146 -18.04 -26.59 11.36
C ILE B 146 -16.75 -25.86 11.09
N THR B 147 -16.69 -25.11 10.00
CA THR B 147 -15.53 -24.29 9.67
C THR B 147 -16.09 -22.87 9.58
N THR B 148 -15.30 -21.86 9.95
CA THR B 148 -15.78 -20.48 9.88
C THR B 148 -14.77 -19.53 9.24
N GLY B 149 -15.25 -18.37 8.84
CA GLY B 149 -14.38 -17.36 8.26
C GLY B 149 -13.79 -16.53 9.40
N GLY B 150 -14.66 -16.17 10.36
CA GLY B 150 -14.25 -15.38 11.50
C GLY B 150 -13.44 -16.14 12.53
N SER B 151 -12.54 -15.43 13.20
CA SER B 151 -11.66 -16.01 14.21
C SER B 151 -12.40 -16.41 15.47
N GLY B 152 -11.78 -17.29 16.27
CA GLY B 152 -12.39 -17.72 17.50
C GLY B 152 -12.72 -16.57 18.45
N SER B 153 -11.83 -15.58 18.53
CA SER B 153 -12.04 -14.43 19.41
C SER B 153 -13.32 -13.66 19.07
N MET B 154 -13.68 -13.61 17.80
CA MET B 154 -14.88 -12.91 17.38
C MET B 154 -16.12 -13.58 17.97
N TYR B 155 -15.99 -14.88 18.25
CA TYR B 155 -17.09 -15.67 18.80
C TYR B 155 -17.00 -15.95 20.30
N SER B 156 -16.06 -15.30 20.98
CA SER B 156 -15.91 -15.49 22.43
C SER B 156 -16.94 -14.59 23.11
N LEU B 157 -17.04 -14.67 24.43
CA LEU B 157 -18.02 -13.84 25.13
C LEU B 157 -17.80 -12.34 24.89
N GLN B 158 -16.56 -11.94 24.58
CA GLN B 158 -16.24 -10.54 24.33
C GLN B 158 -16.09 -10.13 22.87
N GLY B 159 -16.23 -11.08 21.93
CA GLY B 159 -16.09 -10.76 20.51
C GLY B 159 -17.31 -10.06 19.95
N ILE B 160 -17.18 -9.30 18.85
CA ILE B 160 -18.35 -8.61 18.30
C ILE B 160 -19.49 -9.51 17.87
N HIS B 161 -19.18 -10.74 17.44
CA HIS B 161 -20.25 -11.63 16.99
C HIS B 161 -21.07 -12.16 18.15
N GLY B 162 -20.46 -12.21 19.32
CA GLY B 162 -21.17 -12.73 20.47
C GLY B 162 -20.82 -14.19 20.65
N ASP B 163 -21.29 -14.74 21.76
CA ASP B 163 -21.05 -16.11 22.15
C ASP B 163 -21.49 -17.18 21.12
N MET B 164 -20.53 -17.99 20.69
CA MET B 164 -20.80 -19.05 19.73
C MET B 164 -21.79 -20.07 20.31
N ASN B 165 -21.81 -20.22 21.63
CA ASN B 165 -22.74 -21.14 22.26
C ASN B 165 -24.17 -20.79 21.90
N VAL B 166 -24.45 -19.49 21.82
CA VAL B 166 -25.79 -19.00 21.47
C VAL B 166 -26.14 -19.35 20.01
N ILE B 167 -25.14 -19.27 19.14
CA ILE B 167 -25.32 -19.57 17.72
C ILE B 167 -25.62 -21.07 17.52
N LEU B 168 -24.91 -21.91 18.27
CA LEU B 168 -25.06 -23.36 18.18
C LEU B 168 -26.37 -23.92 18.69
N TRP B 169 -26.94 -23.24 19.68
CA TRP B 169 -28.18 -23.66 20.31
C TRP B 169 -29.34 -24.10 19.41
N PRO B 170 -29.84 -23.21 18.53
CA PRO B 170 -30.96 -23.56 17.65
C PRO B 170 -30.74 -24.84 16.84
N ILE B 171 -29.51 -25.10 16.43
CA ILE B 171 -29.21 -26.30 15.64
C ILE B 171 -29.05 -27.55 16.51
N GLN B 172 -28.14 -27.48 17.49
CA GLN B 172 -27.87 -28.61 18.35
C GLN B 172 -29.05 -28.98 19.26
N SER B 173 -29.74 -27.99 19.82
CA SER B 173 -30.88 -28.32 20.66
C SER B 173 -32.19 -28.44 19.87
N GLY B 174 -32.51 -27.40 19.09
CA GLY B 174 -33.75 -27.40 18.32
C GLY B 174 -33.92 -28.42 17.20
N ILE B 175 -32.85 -28.76 16.52
CA ILE B 175 -32.96 -29.71 15.43
C ILE B 175 -32.50 -31.10 15.85
N LEU B 176 -31.23 -31.20 16.23
CA LEU B 176 -30.66 -32.49 16.61
C LEU B 176 -31.19 -33.15 17.89
N HIS B 177 -31.11 -32.46 19.01
CA HIS B 177 -31.57 -33.06 20.26
C HIS B 177 -33.08 -33.23 20.32
N PHE B 178 -33.81 -32.37 19.62
CA PHE B 178 -35.26 -32.44 19.58
C PHE B 178 -35.71 -33.81 19.06
N CYS B 179 -34.94 -34.34 18.12
CA CYS B 179 -35.22 -35.65 17.50
C CYS B 179 -34.67 -36.85 18.27
N GLY B 180 -34.06 -36.61 19.44
CA GLY B 180 -33.53 -37.71 20.22
C GLY B 180 -32.02 -37.88 20.25
N PHE B 181 -31.33 -37.36 19.25
CA PHE B 181 -29.88 -37.46 19.16
C PHE B 181 -29.11 -37.06 20.41
N GLN B 182 -28.07 -37.84 20.73
CA GLN B 182 -27.17 -37.50 21.82
C GLN B 182 -26.20 -36.64 21.02
N VAL B 183 -26.00 -35.39 21.42
CA VAL B 183 -25.12 -34.50 20.67
C VAL B 183 -23.72 -34.39 21.29
N LEU B 184 -22.70 -34.75 20.51
CA LEU B 184 -21.33 -34.70 20.98
C LEU B 184 -20.75 -33.31 20.75
N GLU B 185 -19.71 -32.99 21.49
CA GLU B 185 -19.07 -31.68 21.36
C GLU B 185 -18.78 -31.44 19.88
N PRO B 186 -19.09 -30.22 19.38
CA PRO B 186 -18.84 -29.88 17.97
C PRO B 186 -17.35 -29.70 17.67
N GLN B 187 -16.95 -30.05 16.45
CA GLN B 187 -15.58 -29.88 16.02
C GLN B 187 -15.58 -28.50 15.36
N LEU B 188 -15.00 -27.50 16.03
CA LEU B 188 -14.99 -26.12 15.53
C LEU B 188 -13.66 -25.67 14.93
N THR B 189 -13.64 -25.39 13.63
CA THR B 189 -12.44 -24.94 12.94
C THR B 189 -12.61 -23.48 12.52
N TYR B 190 -12.13 -22.58 13.37
CA TYR B 190 -12.21 -21.14 13.16
C TYR B 190 -11.24 -20.59 12.14
N SER B 191 -11.66 -19.56 11.43
CA SER B 191 -10.86 -18.89 10.40
C SER B 191 -9.94 -19.83 9.64
N ILE B 192 -10.52 -20.84 9.00
CA ILE B 192 -9.73 -21.80 8.24
C ILE B 192 -9.04 -21.14 7.05
N GLY B 193 -9.56 -19.99 6.63
CA GLY B 193 -8.98 -19.27 5.51
C GLY B 193 -7.70 -18.53 5.88
N HIS B 194 -7.44 -18.40 7.19
CA HIS B 194 -6.25 -17.71 7.67
C HIS B 194 -5.36 -18.66 8.45
N THR B 195 -5.53 -19.96 8.24
CA THR B 195 -4.75 -20.98 8.93
C THR B 195 -3.61 -21.51 8.05
N PRO B 196 -2.35 -21.43 8.53
CA PRO B 196 -1.15 -21.90 7.81
C PRO B 196 -1.29 -23.35 7.33
N ALA B 197 -0.66 -23.65 6.20
CA ALA B 197 -0.70 -24.99 5.59
C ALA B 197 -0.38 -26.13 6.55
N ASP B 198 0.67 -25.95 7.34
CA ASP B 198 1.08 -26.96 8.30
C ASP B 198 0.04 -27.16 9.38
N ALA B 199 -0.57 -26.05 9.81
CA ALA B 199 -1.60 -26.12 10.85
C ALA B 199 -2.82 -26.87 10.30
N ARG B 200 -3.13 -26.67 9.03
CA ARG B 200 -4.25 -27.34 8.41
C ARG B 200 -4.08 -28.85 8.35
N ILE B 201 -2.84 -29.29 8.19
CA ILE B 201 -2.54 -30.72 8.15
C ILE B 201 -2.83 -31.32 9.52
N GLN B 202 -2.45 -30.61 10.56
CA GLN B 202 -2.65 -31.08 11.92
C GLN B 202 -4.11 -31.03 12.36
N ILE B 203 -4.89 -30.15 11.74
CA ILE B 203 -6.30 -30.06 12.07
C ILE B 203 -6.98 -31.34 11.58
N LEU B 204 -6.59 -31.82 10.41
CA LEU B 204 -7.16 -33.05 9.85
C LEU B 204 -6.74 -34.25 10.68
N GLU B 205 -5.45 -34.32 11.02
CA GLU B 205 -4.95 -35.42 11.84
C GLU B 205 -5.63 -35.44 13.19
N GLY B 206 -5.88 -34.26 13.75
CA GLY B 206 -6.54 -34.19 15.05
C GLY B 206 -7.97 -34.69 15.01
N TRP B 207 -8.64 -34.44 13.90
CA TRP B 207 -10.02 -34.87 13.68
C TRP B 207 -10.04 -36.41 13.53
N LYS B 208 -9.06 -36.95 12.81
CA LYS B 208 -8.99 -38.40 12.62
C LYS B 208 -8.74 -39.04 13.98
N LYS B 209 -7.85 -38.42 14.74
CA LYS B 209 -7.51 -38.90 16.07
C LYS B 209 -8.73 -38.93 16.98
N ARG B 210 -9.51 -37.85 16.97
CA ARG B 210 -10.70 -37.77 17.81
C ARG B 210 -11.72 -38.85 17.47
N LEU B 211 -11.85 -39.15 16.18
CA LEU B 211 -12.80 -40.15 15.72
C LEU B 211 -12.48 -41.58 16.14
N GLU B 212 -11.23 -41.83 16.53
CA GLU B 212 -10.82 -43.17 16.95
C GLU B 212 -11.55 -43.63 18.21
N ASN B 213 -12.10 -42.69 18.98
CA ASN B 213 -12.84 -42.99 20.21
C ASN B 213 -14.10 -42.15 20.37
N ILE B 214 -14.60 -41.63 19.25
CA ILE B 214 -15.77 -40.78 19.23
C ILE B 214 -17.00 -41.38 19.93
N TRP B 215 -17.19 -42.68 19.75
CA TRP B 215 -18.35 -43.35 20.34
C TRP B 215 -18.35 -43.39 21.86
N ASP B 216 -17.18 -43.27 22.47
CA ASP B 216 -17.07 -43.31 23.93
C ASP B 216 -17.12 -41.94 24.63
N GLU B 217 -17.21 -40.87 23.84
CA GLU B 217 -17.26 -39.51 24.38
C GLU B 217 -18.55 -39.18 25.15
N THR B 218 -18.44 -38.29 26.12
CA THR B 218 -19.61 -37.87 26.91
C THR B 218 -20.32 -36.79 26.10
N PRO B 219 -21.66 -36.90 25.98
CA PRO B 219 -22.51 -35.95 25.25
C PRO B 219 -22.67 -34.59 25.92
N LEU B 220 -23.05 -33.59 25.14
CA LEU B 220 -23.30 -32.23 25.64
C LEU B 220 -24.52 -32.30 26.57
N TYR B 221 -24.64 -31.33 27.47
CA TYR B 221 -25.76 -31.32 28.41
C TYR B 221 -26.96 -30.49 27.96
N PHE B 222 -28.14 -31.10 28.03
CA PHE B 222 -29.41 -30.46 27.71
C PHE B 222 -30.30 -30.82 28.89
N ALA B 223 -31.18 -29.93 29.32
CA ALA B 223 -32.07 -30.25 30.43
C ALA B 223 -32.93 -31.45 30.05
N PRO B 224 -33.06 -32.43 30.96
CA PRO B 224 -33.86 -33.62 30.68
C PRO B 224 -35.34 -33.23 30.58
N SER B 225 -36.08 -33.88 29.69
CA SER B 225 -37.49 -33.58 29.52
C SER B 225 -38.27 -33.94 30.78
N SER B 226 -37.66 -34.75 31.65
CA SER B 226 -38.32 -35.16 32.88
C SER B 226 -38.51 -33.97 33.83
N LEU B 227 -37.83 -32.87 33.54
CA LEU B 227 -37.94 -31.67 34.37
C LEU B 227 -39.12 -30.79 33.96
N PHE B 228 -39.78 -31.16 32.86
CA PHE B 228 -40.91 -30.39 32.34
C PHE B 228 -42.24 -31.14 32.38
N ASP B 229 -43.33 -30.37 32.47
CA ASP B 229 -44.67 -30.93 32.47
C ASP B 229 -45.05 -31.04 30.99
N LEU B 230 -44.70 -32.17 30.41
CA LEU B 230 -44.92 -32.45 28.99
C LEU B 230 -46.36 -32.60 28.52
N ASN B 231 -47.18 -31.57 28.76
CA ASN B 231 -48.57 -31.60 28.31
C ASN B 231 -49.06 -30.21 27.90
N PHE B 232 -49.87 -30.15 26.85
CA PHE B 232 -50.42 -28.89 26.35
C PHE B 232 -51.07 -28.09 27.47
N GLN B 233 -51.77 -28.79 28.35
CA GLN B 233 -52.44 -28.15 29.46
C GLN B 233 -51.46 -27.38 30.35
N ALA B 234 -50.32 -27.99 30.67
CA ALA B 234 -49.33 -27.35 31.53
C ALA B 234 -48.47 -26.35 30.76
N GLY B 235 -48.66 -26.28 29.45
CA GLY B 235 -47.89 -25.36 28.62
C GLY B 235 -46.44 -25.77 28.47
N PHE B 236 -46.14 -27.04 28.74
CA PHE B 236 -44.78 -27.55 28.65
C PHE B 236 -43.79 -26.70 29.43
N LEU B 237 -44.24 -26.20 30.57
CA LEU B 237 -43.39 -25.39 31.42
C LEU B 237 -42.63 -26.29 32.39
N MET B 238 -41.59 -25.75 32.99
CA MET B 238 -40.77 -26.50 33.93
C MET B 238 -41.57 -26.85 35.19
N LYS B 239 -41.38 -28.06 35.70
CA LYS B 239 -42.11 -28.49 36.89
C LYS B 239 -41.89 -27.53 38.05
N LYS B 240 -42.96 -27.22 38.77
CA LYS B 240 -42.91 -26.32 39.91
C LYS B 240 -41.82 -26.71 40.89
N GLU B 241 -41.74 -28.01 41.18
CA GLU B 241 -40.74 -28.53 42.11
C GLU B 241 -39.35 -28.16 41.62
N VAL B 242 -39.12 -28.38 40.32
CA VAL B 242 -37.83 -28.08 39.70
C VAL B 242 -37.49 -26.60 39.74
N GLN B 243 -38.47 -25.75 39.41
CA GLN B 243 -38.25 -24.31 39.41
C GLN B 243 -37.80 -23.83 40.78
N ASP B 244 -38.46 -24.33 41.82
CA ASP B 244 -38.14 -23.96 43.19
C ASP B 244 -36.75 -24.44 43.58
N GLU B 245 -36.38 -25.65 43.15
CA GLU B 245 -35.06 -26.20 43.47
C GLU B 245 -33.94 -25.38 42.83
N GLU B 246 -34.20 -24.84 41.64
CA GLU B 246 -33.22 -24.06 40.90
C GLU B 246 -33.21 -22.59 41.28
N LYS B 247 -34.27 -22.13 41.93
CA LYS B 247 -34.37 -20.73 42.29
C LYS B 247 -33.20 -20.20 43.09
N ASN B 248 -32.50 -21.07 43.81
CA ASN B 248 -31.37 -20.59 44.59
C ASN B 248 -30.02 -20.87 43.97
N LYS B 249 -30.03 -21.38 42.74
CA LYS B 249 -28.79 -21.67 42.05
C LYS B 249 -28.34 -20.44 41.26
N LYS B 250 -27.03 -20.28 41.14
CA LYS B 250 -26.45 -19.15 40.43
C LYS B 250 -26.51 -19.26 38.91
N PHE B 251 -26.29 -20.45 38.40
CA PHE B 251 -26.30 -20.68 36.96
C PHE B 251 -27.60 -21.31 36.45
N GLY B 252 -27.97 -20.96 35.22
CA GLY B 252 -29.16 -21.54 34.62
C GLY B 252 -28.76 -22.95 34.22
N LEU B 253 -29.64 -23.67 33.55
CA LEU B 253 -29.35 -25.05 33.15
C LEU B 253 -28.57 -25.20 31.85
N SER B 254 -28.75 -24.26 30.92
CA SER B 254 -28.08 -24.29 29.63
C SER B 254 -28.32 -22.97 28.90
N VAL B 255 -27.94 -22.93 27.63
CA VAL B 255 -28.12 -21.71 26.83
C VAL B 255 -29.59 -21.33 26.73
N GLY B 256 -30.42 -22.24 26.24
CA GLY B 256 -31.84 -21.95 26.09
C GLY B 256 -32.60 -21.86 27.41
N HIS B 257 -32.14 -22.61 28.40
CA HIS B 257 -32.76 -22.62 29.72
C HIS B 257 -31.86 -21.91 30.71
N HIS B 258 -31.50 -20.68 30.39
CA HIS B 258 -30.65 -19.86 31.24
C HIS B 258 -31.47 -19.32 32.41
N LEU B 259 -32.80 -19.34 32.23
CA LEU B 259 -33.73 -18.90 33.26
C LEU B 259 -33.51 -17.47 33.77
N GLY B 260 -32.92 -16.62 32.95
CA GLY B 260 -32.69 -15.24 33.38
C GLY B 260 -31.45 -15.07 34.24
N LYS B 261 -30.69 -16.15 34.39
CA LYS B 261 -29.47 -16.15 35.19
C LYS B 261 -28.25 -16.38 34.29
N SER B 262 -27.15 -16.80 34.87
CA SER B 262 -25.92 -17.04 34.10
C SER B 262 -25.97 -18.36 33.33
N ILE B 263 -25.46 -18.33 32.11
CA ILE B 263 -25.41 -19.52 31.26
C ILE B 263 -24.13 -20.26 31.65
N PRO B 264 -24.22 -21.58 31.87
CA PRO B 264 -23.01 -22.34 32.22
C PRO B 264 -22.02 -22.21 31.07
N THR B 265 -20.75 -22.04 31.40
CA THR B 265 -19.70 -21.87 30.41
C THR B 265 -19.65 -22.99 29.35
N ASP B 266 -19.51 -22.59 28.10
CA ASP B 266 -19.44 -23.52 26.96
C ASP B 266 -20.42 -24.67 27.02
N ASN B 267 -21.66 -24.37 27.40
CA ASN B 267 -22.70 -25.37 27.47
C ASN B 267 -22.87 -26.12 26.14
N GLN B 268 -22.77 -25.40 25.03
CA GLN B 268 -22.94 -26.02 23.71
C GLN B 268 -21.64 -26.41 23.00
N ILE B 269 -20.52 -26.27 23.69
CA ILE B 269 -19.22 -26.58 23.13
C ILE B 269 -18.44 -27.66 23.88
N LYS B 270 -18.60 -27.72 25.20
CA LYS B 270 -17.89 -28.71 26.00
C LYS B 270 -18.85 -29.56 26.85
N ALA B 271 -18.52 -30.83 26.99
CA ALA B 271 -19.31 -31.77 27.77
C ALA B 271 -19.16 -31.60 29.28
N ARG B 272 -19.96 -32.36 30.04
CA ARG B 272 -19.96 -32.33 31.50
C ARG B 272 -20.74 -31.17 32.09
N LYS B 273 -21.98 -31.42 32.50
CA LYS B 273 -22.83 -30.37 33.08
C LYS B 273 -23.95 -30.90 33.97
N ALA C 1 47.65 42.82 -27.47
CA ALA C 1 47.89 41.65 -26.58
C ALA C 1 47.58 41.96 -25.12
N GLY C 2 47.99 41.06 -24.22
CA GLY C 2 47.74 41.27 -22.81
C GLY C 2 49.04 41.43 -22.03
N ARG C 3 48.95 42.07 -20.88
CA ARG C 3 50.12 42.27 -20.05
C ARG C 3 49.86 42.02 -18.58
N ARG C 4 48.60 41.82 -18.23
CA ARG C 4 48.22 41.55 -16.84
C ARG C 4 47.62 40.16 -16.70
N ALA C 5 48.13 39.37 -15.77
CA ALA C 5 47.62 38.02 -15.57
C ALA C 5 47.18 37.76 -14.13
N LEU C 6 46.16 36.93 -13.98
CA LEU C 6 45.66 36.54 -12.67
C LEU C 6 45.65 35.03 -12.63
N ILE C 7 46.33 34.47 -11.65
CA ILE C 7 46.37 33.02 -11.48
C ILE C 7 45.60 32.67 -10.22
N VAL C 8 44.54 31.90 -10.38
CA VAL C 8 43.73 31.47 -9.26
C VAL C 8 44.10 30.02 -8.98
N LEU C 9 44.63 29.75 -7.80
CA LEU C 9 45.03 28.39 -7.44
C LEU C 9 44.12 27.80 -6.35
N ALA C 10 43.74 26.54 -6.51
CA ALA C 10 42.90 25.86 -5.54
C ALA C 10 43.49 24.54 -5.06
N HIS C 11 44.48 24.63 -4.17
CA HIS C 11 45.11 23.45 -3.59
C HIS C 11 45.68 23.85 -2.24
N SER C 12 45.45 23.01 -1.23
CA SER C 12 45.92 23.31 0.11
C SER C 12 47.41 23.11 0.38
N GLU C 13 48.06 22.29 -0.43
CA GLU C 13 49.49 21.98 -0.21
C GLU C 13 50.50 22.67 -1.12
N ARG C 14 51.49 23.32 -0.50
CA ARG C 14 52.55 24.00 -1.24
C ARG C 14 53.52 22.97 -1.81
N THR C 15 53.38 21.72 -1.36
CA THR C 15 54.23 20.64 -1.83
C THR C 15 53.60 19.87 -3.01
N SER C 16 52.43 20.30 -3.46
CA SER C 16 51.73 19.63 -4.55
C SER C 16 52.27 20.02 -5.92
N PHE C 17 51.90 19.24 -6.92
CA PHE C 17 52.33 19.53 -8.29
C PHE C 17 51.55 20.75 -8.79
N ASN C 18 50.35 20.96 -8.27
CA ASN C 18 49.53 22.11 -8.66
C ASN C 18 50.25 23.38 -8.24
N TYR C 19 50.81 23.37 -7.02
CA TYR C 19 51.54 24.52 -6.54
C TYR C 19 52.72 24.75 -7.47
N ALA C 20 53.41 23.66 -7.80
CA ALA C 20 54.56 23.74 -8.70
C ALA C 20 54.13 24.36 -10.03
N MET C 21 52.97 23.95 -10.51
CA MET C 21 52.42 24.47 -11.77
C MET C 21 52.16 25.97 -11.68
N LYS C 22 51.61 26.42 -10.56
CA LYS C 22 51.35 27.85 -10.35
C LYS C 22 52.65 28.64 -10.32
N GLU C 23 53.67 28.08 -9.68
CA GLU C 23 54.96 28.76 -9.59
C GLU C 23 55.60 28.85 -10.97
N ALA C 24 55.44 27.77 -11.74
CA ALA C 24 55.98 27.70 -13.09
C ALA C 24 55.36 28.77 -13.96
N ALA C 25 54.03 28.82 -13.97
CA ALA C 25 53.31 29.81 -14.77
C ALA C 25 53.66 31.25 -14.40
N ALA C 26 53.73 31.54 -13.11
CA ALA C 26 54.07 32.87 -12.63
C ALA C 26 55.45 33.29 -13.10
N ALA C 27 56.38 32.34 -13.02
CA ALA C 27 57.77 32.57 -13.41
C ALA C 27 57.88 32.89 -14.90
N ALA C 28 57.28 32.06 -15.73
CA ALA C 28 57.32 32.24 -17.18
C ALA C 28 56.68 33.57 -17.63
N LEU C 29 55.47 33.82 -17.16
CA LEU C 29 54.75 35.04 -17.51
C LEU C 29 55.54 36.29 -17.12
N LYS C 30 56.15 36.30 -15.94
CA LYS C 30 56.93 37.46 -15.54
C LYS C 30 58.14 37.64 -16.45
N LYS C 31 58.78 36.53 -16.84
CA LYS C 31 59.93 36.57 -17.74
C LYS C 31 59.55 37.31 -19.00
N LYS C 32 58.36 37.01 -19.50
CA LYS C 32 57.85 37.64 -20.72
C LYS C 32 57.32 39.05 -20.53
N GLY C 33 57.48 39.59 -19.32
CA GLY C 33 57.03 40.95 -19.07
C GLY C 33 55.62 41.18 -18.56
N TRP C 34 54.93 40.12 -18.16
CA TRP C 34 53.56 40.30 -17.65
C TRP C 34 53.50 40.76 -16.19
N GLU C 35 52.34 41.29 -15.82
CA GLU C 35 52.06 41.72 -14.45
C GLU C 35 51.31 40.51 -13.92
N VAL C 36 51.82 39.86 -12.88
CA VAL C 36 51.14 38.69 -12.36
C VAL C 36 50.62 38.89 -10.95
N VAL C 37 49.33 38.61 -10.77
CA VAL C 37 48.66 38.70 -9.49
C VAL C 37 48.14 37.30 -9.20
N GLU C 38 48.09 36.95 -7.92
CA GLU C 38 47.65 35.63 -7.51
C GLU C 38 46.49 35.61 -6.53
N SER C 39 45.71 34.53 -6.60
CA SER C 39 44.58 34.29 -5.71
C SER C 39 44.71 32.86 -5.21
N ASP C 40 45.55 32.66 -4.21
CA ASP C 40 45.74 31.35 -3.61
C ASP C 40 44.60 31.25 -2.59
N LEU C 41 43.46 30.74 -3.05
CA LEU C 41 42.25 30.63 -2.22
C LEU C 41 42.46 30.09 -0.80
N TYR C 42 43.17 28.96 -0.66
CA TYR C 42 43.43 28.39 0.65
C TYR C 42 44.28 29.32 1.52
N ALA C 43 45.32 29.92 0.94
CA ALA C 43 46.18 30.83 1.69
C ALA C 43 45.47 32.15 1.98
N MET C 44 44.39 32.42 1.24
CA MET C 44 43.64 33.65 1.45
C MET C 44 42.59 33.44 2.51
N ASN C 45 42.48 32.21 3.01
CA ASN C 45 41.48 31.89 4.01
C ASN C 45 40.12 32.31 3.42
N PHE C 46 39.96 32.03 2.13
CA PHE C 46 38.77 32.38 1.36
C PHE C 46 37.48 31.62 1.75
N ASN C 47 36.41 32.40 1.95
CA ASN C 47 35.10 31.86 2.28
C ASN C 47 34.35 31.62 0.97
N PRO C 48 34.04 30.36 0.67
CA PRO C 48 33.34 29.98 -0.56
C PRO C 48 31.83 29.87 -0.46
N ILE C 49 31.25 30.27 0.67
CA ILE C 49 29.81 30.16 0.87
C ILE C 49 29.04 31.46 0.65
N ILE C 50 28.16 31.49 -0.34
CA ILE C 50 27.35 32.68 -0.59
C ILE C 50 26.34 32.79 0.53
N SER C 51 26.01 34.03 0.91
CA SER C 51 25.04 34.30 1.97
C SER C 51 24.77 35.80 2.00
N ARG C 52 23.83 36.24 2.84
CA ARG C 52 23.56 37.67 2.93
C ARG C 52 24.72 38.42 3.56
N LYS C 53 25.71 37.67 4.07
CA LYS C 53 26.87 38.31 4.67
C LYS C 53 27.81 38.87 3.59
N ASP C 54 27.43 38.67 2.33
CA ASP C 54 28.22 39.18 1.23
C ASP C 54 27.80 40.63 0.97
N ILE C 55 26.72 41.07 1.63
CA ILE C 55 26.23 42.45 1.48
C ILE C 55 26.36 43.20 2.82
N THR C 56 27.01 44.36 2.78
CA THR C 56 27.23 45.15 3.99
C THR C 56 26.17 46.23 4.27
N GLY C 57 25.46 46.70 3.25
CA GLY C 57 24.44 47.70 3.48
C GLY C 57 23.17 47.11 4.07
N LYS C 58 22.03 47.63 3.63
CA LYS C 58 20.75 47.11 4.11
C LYS C 58 20.08 46.44 2.92
N LEU C 59 19.47 45.28 3.17
CA LEU C 59 18.81 44.53 2.11
C LEU C 59 17.51 45.20 1.73
N LYS C 60 17.16 45.13 0.45
CA LYS C 60 15.92 45.72 -0.02
C LYS C 60 14.75 44.91 0.53
N ASP C 61 14.96 43.60 0.67
CA ASP C 61 13.91 42.72 1.19
C ASP C 61 14.49 41.67 2.13
N PRO C 62 14.77 42.07 3.39
CA PRO C 62 15.33 41.18 4.41
C PRO C 62 14.48 39.96 4.74
N ALA C 63 13.18 40.06 4.49
CA ALA C 63 12.24 38.97 4.77
C ALA C 63 12.33 37.81 3.78
N ASN C 64 12.52 38.14 2.52
CA ASN C 64 12.65 37.15 1.46
C ASN C 64 13.95 37.48 0.73
N PHE C 65 15.06 36.95 1.25
CA PHE C 65 16.36 37.19 0.67
C PHE C 65 16.61 36.40 -0.61
N GLN C 66 16.94 37.12 -1.68
CA GLN C 66 17.23 36.51 -2.96
C GLN C 66 18.57 37.03 -3.40
N TYR C 67 19.56 36.14 -3.34
CA TYR C 67 20.93 36.46 -3.66
C TYR C 67 21.20 37.19 -4.98
N PRO C 68 20.67 36.68 -6.10
CA PRO C 68 20.94 37.38 -7.37
C PRO C 68 20.60 38.88 -7.34
N ALA C 69 19.34 39.21 -7.04
CA ALA C 69 18.89 40.60 -6.99
C ALA C 69 19.61 41.45 -5.95
N GLU C 70 19.79 40.92 -4.74
CA GLU C 70 20.45 41.68 -3.70
C GLU C 70 21.94 41.94 -3.95
N SER C 71 22.63 40.95 -4.52
CA SER C 71 24.06 41.08 -4.79
C SER C 71 24.31 42.07 -5.92
N VAL C 72 23.39 42.13 -6.87
CA VAL C 72 23.51 43.07 -7.98
C VAL C 72 23.31 44.48 -7.46
N LEU C 73 22.33 44.65 -6.57
CA LEU C 73 22.07 45.97 -6.00
C LEU C 73 23.29 46.39 -5.19
N ALA C 74 23.88 45.42 -4.48
CA ALA C 74 25.06 45.67 -3.67
C ALA C 74 26.21 46.15 -4.54
N TYR C 75 26.38 45.52 -5.70
CA TYR C 75 27.44 45.91 -6.62
C TYR C 75 27.20 47.35 -7.10
N LYS C 76 25.96 47.67 -7.46
CA LYS C 76 25.63 49.00 -7.95
C LYS C 76 25.81 50.10 -6.89
N GLU C 77 25.41 49.81 -5.66
CA GLU C 77 25.51 50.81 -4.61
C GLU C 77 26.81 50.79 -3.81
N GLY C 78 27.66 49.79 -4.04
CA GLY C 78 28.94 49.69 -3.32
C GLY C 78 28.88 49.02 -1.96
N HIS C 79 28.00 48.04 -1.79
CA HIS C 79 27.87 47.34 -0.51
C HIS C 79 28.37 45.90 -0.47
N LEU C 80 29.22 45.47 -1.41
CA LEU C 80 29.69 44.08 -1.38
C LEU C 80 30.76 43.93 -0.30
N SER C 81 30.92 42.74 0.25
CA SER C 81 31.93 42.58 1.30
C SER C 81 33.33 42.85 0.76
N PRO C 82 34.24 43.31 1.63
CA PRO C 82 35.64 43.62 1.30
C PRO C 82 36.38 42.56 0.47
N ASP C 83 36.24 41.29 0.82
CA ASP C 83 36.94 40.25 0.06
C ASP C 83 36.45 40.10 -1.39
N ILE C 84 35.15 40.25 -1.61
CA ILE C 84 34.60 40.15 -2.96
C ILE C 84 35.08 41.33 -3.80
N VAL C 85 35.03 42.52 -3.22
CA VAL C 85 35.48 43.73 -3.92
C VAL C 85 36.95 43.61 -4.38
N ALA C 86 37.80 43.06 -3.51
CA ALA C 86 39.21 42.91 -3.85
C ALA C 86 39.44 41.92 -5.00
N GLU C 87 38.67 40.85 -5.06
CA GLU C 87 38.83 39.88 -6.15
C GLU C 87 38.25 40.47 -7.44
N GLN C 88 37.17 41.23 -7.31
CA GLN C 88 36.57 41.84 -8.48
C GLN C 88 37.56 42.82 -9.10
N LYS C 89 38.37 43.48 -8.26
CA LYS C 89 39.38 44.44 -8.74
C LYS C 89 40.50 43.72 -9.48
N LYS C 90 40.87 42.54 -9.00
CA LYS C 90 41.91 41.76 -9.65
C LYS C 90 41.40 41.32 -11.01
N LEU C 91 40.17 40.84 -11.06
CA LEU C 91 39.55 40.39 -12.30
C LEU C 91 39.40 41.49 -13.34
N GLU C 92 38.97 42.67 -12.88
CA GLU C 92 38.78 43.84 -13.72
C GLU C 92 40.08 44.25 -14.40
N ALA C 93 41.19 44.12 -13.67
CA ALA C 93 42.49 44.48 -14.20
C ALA C 93 43.11 43.43 -15.13
N ALA C 94 42.89 42.16 -14.83
CA ALA C 94 43.46 41.05 -15.60
C ALA C 94 43.06 40.93 -17.07
N ASP C 95 44.01 40.50 -17.89
CA ASP C 95 43.81 40.28 -19.32
C ASP C 95 43.65 38.78 -19.46
N LEU C 96 44.51 38.05 -18.75
CA LEU C 96 44.49 36.60 -18.78
C LEU C 96 44.23 36.07 -17.38
N VAL C 97 43.43 35.01 -17.29
CA VAL C 97 43.11 34.39 -16.00
C VAL C 97 43.38 32.89 -16.13
N ILE C 98 44.26 32.38 -15.28
CA ILE C 98 44.57 30.97 -15.29
C ILE C 98 43.95 30.30 -14.07
N PHE C 99 43.23 29.21 -14.29
CA PHE C 99 42.63 28.47 -13.19
C PHE C 99 43.39 27.15 -13.03
N GLN C 100 44.24 27.08 -12.00
CA GLN C 100 45.05 25.90 -11.71
C GLN C 100 44.43 25.08 -10.60
N PHE C 101 44.07 23.82 -10.89
CA PHE C 101 43.46 22.98 -9.87
C PHE C 101 43.45 21.49 -10.19
N PRO C 102 43.31 20.65 -9.15
CA PRO C 102 43.26 19.20 -9.34
C PRO C 102 41.79 18.87 -9.60
N LEU C 103 41.52 17.93 -10.50
CA LEU C 103 40.14 17.56 -10.80
C LEU C 103 39.58 16.87 -9.57
N GLN C 104 38.42 17.31 -9.09
CA GLN C 104 37.82 16.70 -7.91
C GLN C 104 36.35 16.39 -8.17
N TRP C 105 36.06 15.10 -8.19
CA TRP C 105 34.73 14.59 -8.48
C TRP C 105 34.21 15.18 -9.80
N PHE C 106 35.05 15.03 -10.81
CA PHE C 106 34.76 15.46 -12.16
C PHE C 106 34.39 16.94 -12.30
N GLY C 107 34.96 17.76 -11.42
CA GLY C 107 34.69 19.18 -11.47
C GLY C 107 35.76 19.98 -10.76
N VAL C 108 35.47 21.25 -10.49
CA VAL C 108 36.42 22.11 -9.78
C VAL C 108 36.25 21.91 -8.27
N PRO C 109 37.30 22.17 -7.49
CA PRO C 109 37.21 22.00 -6.04
C PRO C 109 36.12 22.93 -5.50
N ALA C 110 35.48 22.53 -4.40
CA ALA C 110 34.42 23.32 -3.81
C ALA C 110 34.87 24.75 -3.55
N ILE C 111 36.10 24.92 -3.07
CA ILE C 111 36.57 26.27 -2.77
C ILE C 111 36.63 27.20 -3.99
N LEU C 112 36.88 26.64 -5.16
CA LEU C 112 36.91 27.44 -6.39
C LEU C 112 35.50 27.64 -6.94
N LYS C 113 34.62 26.66 -6.71
CA LYS C 113 33.24 26.83 -7.17
C LYS C 113 32.66 28.02 -6.41
N GLY C 114 32.98 28.08 -5.12
CA GLY C 114 32.48 29.15 -4.27
C GLY C 114 33.04 30.51 -4.67
N TRP C 115 34.24 30.50 -5.23
CA TRP C 115 34.88 31.73 -5.67
C TRP C 115 34.05 32.32 -6.83
N PHE C 116 33.65 31.47 -7.78
CA PHE C 116 32.83 31.97 -8.90
C PHE C 116 31.50 32.50 -8.39
N GLU C 117 30.87 31.76 -7.50
CA GLU C 117 29.57 32.13 -6.97
C GLU C 117 29.55 33.49 -6.26
N ARG C 118 30.57 33.76 -5.45
CA ARG C 118 30.63 35.04 -4.73
C ARG C 118 31.24 36.21 -5.50
N VAL C 119 32.11 35.92 -6.45
CA VAL C 119 32.78 36.97 -7.22
C VAL C 119 32.06 37.34 -8.52
N PHE C 120 31.64 36.34 -9.28
CA PHE C 120 30.98 36.54 -10.56
C PHE C 120 29.52 36.98 -10.38
N ILE C 121 29.36 38.21 -9.91
CA ILE C 121 28.05 38.81 -9.65
C ILE C 121 27.44 39.47 -10.90
N GLY C 122 26.11 39.49 -10.97
CA GLY C 122 25.43 40.08 -12.11
C GLY C 122 25.81 41.53 -12.33
N GLU C 123 25.77 41.97 -13.59
CA GLU C 123 26.15 43.34 -13.96
C GLU C 123 27.66 43.42 -14.06
N PHE C 124 28.36 42.91 -13.04
CA PHE C 124 29.82 42.90 -13.03
C PHE C 124 30.40 41.85 -13.99
N ALA C 125 29.96 40.60 -13.83
CA ALA C 125 30.45 39.49 -14.63
C ALA C 125 29.55 39.05 -15.80
N TYR C 126 28.26 39.35 -15.71
CA TYR C 126 27.33 38.97 -16.76
C TYR C 126 26.03 39.77 -16.73
N THR C 127 25.33 39.77 -17.85
CA THR C 127 24.04 40.44 -18.00
C THR C 127 23.24 39.58 -18.94
N TYR C 128 21.95 39.40 -18.66
CA TYR C 128 21.13 38.58 -19.54
C TYR C 128 20.99 39.25 -20.91
N ALA C 129 21.17 40.56 -20.92
CA ALA C 129 21.08 41.32 -22.16
C ALA C 129 22.30 41.14 -23.05
N ALA C 130 23.42 40.73 -22.45
CA ALA C 130 24.65 40.53 -23.20
C ALA C 130 25.36 39.25 -22.77
N MET C 131 24.68 38.11 -22.93
CA MET C 131 25.24 36.83 -22.55
C MET C 131 26.36 36.38 -23.48
N TYR C 132 27.09 35.36 -23.04
CA TYR C 132 28.20 34.77 -23.79
C TYR C 132 29.07 35.78 -24.55
N ASP C 133 29.08 35.68 -25.89
CA ASP C 133 29.83 36.55 -26.80
C ASP C 133 30.01 38.02 -26.39
N LYS C 134 28.89 38.63 -26.01
CA LYS C 134 28.89 40.05 -25.64
C LYS C 134 29.01 40.33 -24.15
N GLY C 135 29.48 39.35 -23.39
CA GLY C 135 29.63 39.53 -21.95
C GLY C 135 30.68 40.56 -21.57
N PRO C 136 30.74 40.91 -20.28
CA PRO C 136 31.69 41.89 -19.70
C PRO C 136 33.16 41.54 -19.87
N PHE C 137 33.48 40.26 -19.93
CA PHE C 137 34.87 39.81 -20.05
C PHE C 137 35.29 39.43 -21.47
N ARG C 138 34.53 39.90 -22.46
CA ARG C 138 34.82 39.59 -23.86
C ARG C 138 36.23 39.98 -24.31
N SER C 139 36.84 40.94 -23.62
CA SER C 139 38.20 41.35 -23.98
C SER C 139 39.27 40.57 -23.19
N LYS C 140 38.82 39.57 -22.42
CA LYS C 140 39.73 38.76 -21.62
C LYS C 140 39.76 37.32 -22.13
N LYS C 141 40.79 36.58 -21.72
CA LYS C 141 40.97 35.18 -22.11
C LYS C 141 41.17 34.35 -20.83
N ALA C 142 40.61 33.14 -20.81
CA ALA C 142 40.76 32.28 -19.65
C ALA C 142 41.24 30.88 -20.05
N VAL C 143 41.96 30.21 -19.15
CA VAL C 143 42.47 28.86 -19.39
C VAL C 143 42.42 28.00 -18.13
N LEU C 144 42.13 26.71 -18.31
CA LEU C 144 42.09 25.75 -17.22
C LEU C 144 43.31 24.84 -17.25
N SER C 145 44.04 24.76 -16.15
CA SER C 145 45.19 23.88 -16.05
C SER C 145 44.75 22.86 -14.98
N ILE C 146 44.48 21.64 -15.44
CA ILE C 146 43.97 20.56 -14.58
C ILE C 146 44.88 19.33 -14.44
N THR C 147 44.96 18.80 -13.23
CA THR C 147 45.72 17.59 -12.97
C THR C 147 44.69 16.54 -12.57
N THR C 148 44.93 15.28 -12.89
CA THR C 148 43.98 14.23 -12.54
C THR C 148 44.64 13.02 -11.89
N GLY C 149 43.82 12.13 -11.35
CA GLY C 149 44.32 10.91 -10.74
C GLY C 149 44.26 9.79 -11.78
N GLY C 150 43.15 9.74 -12.51
CA GLY C 150 42.95 8.72 -13.53
C GLY C 150 43.75 9.03 -14.79
N SER C 151 44.11 7.98 -15.52
CA SER C 151 44.89 8.16 -16.74
C SER C 151 44.04 8.67 -17.89
N GLY C 152 44.71 9.16 -18.93
CA GLY C 152 44.02 9.70 -20.09
C GLY C 152 43.11 8.73 -20.80
N SER C 153 43.49 7.46 -20.84
CA SER C 153 42.68 6.45 -21.52
C SER C 153 41.31 6.27 -20.86
N MET C 154 41.25 6.48 -19.55
CA MET C 154 39.99 6.35 -18.84
C MET C 154 39.06 7.45 -19.28
N TYR C 155 39.63 8.55 -19.75
CA TYR C 155 38.87 9.71 -20.18
C TYR C 155 38.76 9.86 -21.69
N SER C 156 39.01 8.77 -22.40
CA SER C 156 38.89 8.78 -23.87
C SER C 156 37.46 8.35 -24.21
N LEU C 157 37.10 8.42 -25.48
CA LEU C 157 35.75 8.04 -25.88
C LEU C 157 35.44 6.61 -25.50
N GLN C 158 36.47 5.78 -25.37
CA GLN C 158 36.31 4.37 -24.99
C GLN C 158 36.67 4.09 -23.53
N GLY C 159 37.15 5.13 -22.83
CA GLY C 159 37.51 4.98 -21.42
C GLY C 159 36.29 4.88 -20.51
N ILE C 160 36.43 4.17 -19.40
CA ILE C 160 35.32 3.96 -18.48
C ILE C 160 34.70 5.22 -17.84
N HIS C 161 35.46 6.30 -17.75
CA HIS C 161 34.91 7.54 -17.18
C HIS C 161 34.15 8.33 -18.23
N GLY C 162 34.42 8.03 -19.49
CA GLY C 162 33.76 8.76 -20.56
C GLY C 162 34.62 9.87 -21.08
N ASP C 163 34.10 10.57 -22.08
CA ASP C 163 34.79 11.66 -22.74
C ASP C 163 35.04 12.92 -21.88
N MET C 164 36.31 13.29 -21.73
CA MET C 164 36.69 14.46 -20.95
C MET C 164 36.02 15.73 -21.48
N ASN C 165 35.68 15.75 -22.77
CA ASN C 165 35.04 16.91 -23.37
C ASN C 165 33.69 17.26 -22.72
N VAL C 166 32.96 16.24 -22.28
CA VAL C 166 31.66 16.45 -21.64
C VAL C 166 31.89 17.03 -20.24
N ILE C 167 32.94 16.59 -19.57
CA ILE C 167 33.28 17.07 -18.22
C ILE C 167 33.68 18.55 -18.24
N LEU C 168 34.43 18.96 -19.25
CA LEU C 168 34.89 20.34 -19.35
C LEU C 168 33.81 21.32 -19.78
N TRP C 169 32.78 20.83 -20.49
CA TRP C 169 31.73 21.71 -21.00
C TRP C 169 31.07 22.67 -20.01
N PRO C 170 30.46 22.14 -18.92
CA PRO C 170 29.81 23.04 -17.95
C PRO C 170 30.68 24.17 -17.37
N ILE C 171 31.97 23.92 -17.24
CA ILE C 171 32.88 24.93 -16.70
C ILE C 171 33.27 25.93 -17.81
N GLN C 172 33.80 25.40 -18.90
CA GLN C 172 34.24 26.27 -20.00
C GLN C 172 33.15 27.06 -20.71
N SER C 173 31.98 26.46 -20.93
CA SER C 173 30.91 27.20 -21.58
C SER C 173 30.02 27.89 -20.55
N GLY C 174 29.58 27.13 -19.55
CA GLY C 174 28.70 27.66 -18.53
C GLY C 174 29.22 28.73 -17.59
N ILE C 175 30.47 28.65 -17.18
CA ILE C 175 30.97 29.68 -16.27
C ILE C 175 31.79 30.75 -16.98
N LEU C 176 32.83 30.31 -17.67
CA LEU C 176 33.73 31.24 -18.35
C LEU C 176 33.16 31.93 -19.58
N HIS C 177 32.82 31.17 -20.60
CA HIS C 177 32.30 31.78 -21.82
C HIS C 177 31.01 32.58 -21.60
N PHE C 178 30.19 32.16 -20.65
CA PHE C 178 28.95 32.87 -20.37
C PHE C 178 29.20 34.34 -20.00
N CYS C 179 30.30 34.60 -19.30
CA CYS C 179 30.61 35.98 -18.92
C CYS C 179 31.37 36.72 -20.01
N GLY C 180 31.60 36.07 -21.15
CA GLY C 180 32.32 36.74 -22.24
C GLY C 180 33.74 36.29 -22.51
N PHE C 181 34.34 35.55 -21.59
CA PHE C 181 35.71 35.07 -21.75
C PHE C 181 35.91 34.28 -23.03
N GLN C 182 37.09 34.44 -23.63
CA GLN C 182 37.50 33.67 -24.80
C GLN C 182 38.24 32.55 -24.08
N VAL C 183 37.86 31.31 -24.31
CA VAL C 183 38.50 30.21 -23.60
C VAL C 183 39.52 29.49 -24.46
N LEU C 184 40.75 29.42 -23.96
CA LEU C 184 41.85 28.77 -24.66
C LEU C 184 41.85 27.28 -24.31
N GLU C 185 42.62 26.47 -25.05
CA GLU C 185 42.68 25.03 -24.81
C GLU C 185 43.16 24.72 -23.39
N PRO C 186 42.50 23.77 -22.72
CA PRO C 186 42.91 23.43 -21.34
C PRO C 186 44.24 22.71 -21.29
N GLN C 187 45.00 22.92 -20.23
CA GLN C 187 46.26 22.22 -20.06
C GLN C 187 45.86 21.01 -19.19
N LEU C 188 45.84 19.82 -19.79
CA LEU C 188 45.44 18.62 -19.08
C LEU C 188 46.55 17.64 -18.77
N THR C 189 46.93 17.53 -17.50
CA THR C 189 47.98 16.57 -17.14
C THR C 189 47.40 15.41 -16.31
N TYR C 190 47.17 14.31 -17.02
CA TYR C 190 46.58 13.08 -16.47
C TYR C 190 47.49 12.21 -15.62
N SER C 191 46.86 11.44 -14.74
CA SER C 191 47.56 10.51 -13.87
C SER C 191 48.88 11.05 -13.31
N ILE C 192 48.86 12.26 -12.75
CA ILE C 192 50.07 12.88 -12.22
C ILE C 192 50.66 12.12 -11.02
N GLY C 193 49.92 11.16 -10.49
CA GLY C 193 50.41 10.37 -9.38
C GLY C 193 51.19 9.13 -9.81
N HIS C 194 51.21 8.88 -11.13
CA HIS C 194 51.94 7.75 -11.68
C HIS C 194 52.94 8.19 -12.73
N THR C 195 53.36 9.45 -12.66
CA THR C 195 54.32 9.98 -13.62
C THR C 195 55.73 10.05 -13.02
N PRO C 196 56.72 9.49 -13.73
CA PRO C 196 58.13 9.47 -13.31
C PRO C 196 58.70 10.86 -13.05
N ALA C 197 59.57 10.97 -12.05
CA ALA C 197 60.18 12.24 -11.69
C ALA C 197 60.68 13.06 -12.89
N ASP C 198 61.26 12.35 -13.87
CA ASP C 198 61.80 12.99 -15.08
C ASP C 198 60.69 13.58 -15.96
N ALA C 199 59.61 12.82 -16.10
CA ALA C 199 58.48 13.23 -16.92
C ALA C 199 57.79 14.46 -16.32
N ARG C 200 57.69 14.49 -14.99
CA ARG C 200 57.05 15.61 -14.30
C ARG C 200 57.82 16.90 -14.52
N ILE C 201 59.14 16.79 -14.62
CA ILE C 201 59.98 17.96 -14.86
C ILE C 201 59.69 18.48 -16.27
N GLN C 202 59.39 17.55 -17.16
CA GLN C 202 59.08 17.89 -18.54
C GLN C 202 57.72 18.58 -18.63
N ILE C 203 56.78 18.15 -17.79
CA ILE C 203 55.45 18.76 -17.78
C ILE C 203 55.56 20.24 -17.40
N LEU C 204 56.34 20.52 -16.35
CA LEU C 204 56.54 21.90 -15.90
C LEU C 204 57.15 22.75 -17.00
N GLU C 205 58.12 22.18 -17.71
CA GLU C 205 58.77 22.90 -18.80
C GLU C 205 57.83 23.11 -19.98
N GLY C 206 57.05 22.09 -20.31
CA GLY C 206 56.12 22.20 -21.41
C GLY C 206 55.06 23.28 -21.15
N TRP C 207 54.61 23.36 -19.91
CA TRP C 207 53.61 24.35 -19.52
C TRP C 207 54.21 25.74 -19.67
N LYS C 208 55.43 25.92 -19.16
CA LYS C 208 56.10 27.22 -19.25
C LYS C 208 56.32 27.70 -20.68
N LYS C 209 56.74 26.81 -21.57
CA LYS C 209 56.96 27.26 -22.94
C LYS C 209 55.67 27.59 -23.66
N ARG C 210 54.57 26.99 -23.24
CA ARG C 210 53.28 27.30 -23.87
C ARG C 210 52.84 28.71 -23.48
N LEU C 211 53.12 29.10 -22.24
CA LEU C 211 52.72 30.40 -21.76
C LEU C 211 53.43 31.56 -22.43
N GLU C 212 54.50 31.28 -23.17
CA GLU C 212 55.26 32.32 -23.85
C GLU C 212 54.50 32.92 -25.05
N ASN C 213 53.59 32.14 -25.63
CA ASN C 213 52.79 32.60 -26.79
C ASN C 213 51.29 32.39 -26.53
N ILE C 214 50.94 32.19 -25.26
CA ILE C 214 49.57 31.94 -24.87
C ILE C 214 48.53 32.91 -25.42
N TRP C 215 48.84 34.20 -25.43
CA TRP C 215 47.89 35.18 -25.92
C TRP C 215 47.53 35.08 -27.41
N ASP C 216 48.47 34.59 -28.22
CA ASP C 216 48.24 34.46 -29.66
C ASP C 216 47.54 33.17 -30.05
N GLU C 217 47.17 32.37 -29.06
CA GLU C 217 46.48 31.12 -29.32
C GLU C 217 45.06 31.29 -29.82
N THR C 218 44.61 30.34 -30.63
CA THR C 218 43.27 30.33 -31.19
C THR C 218 42.36 29.73 -30.10
N PRO C 219 41.33 30.47 -29.67
CA PRO C 219 40.45 29.95 -28.62
C PRO C 219 39.49 28.83 -29.07
N LEU C 220 38.92 28.12 -28.09
CA LEU C 220 38.00 27.02 -28.36
C LEU C 220 36.75 27.53 -29.07
N TYR C 221 36.07 26.64 -29.77
CA TYR C 221 34.87 27.03 -30.49
C TYR C 221 33.57 26.83 -29.73
N PHE C 222 32.80 27.92 -29.66
CA PHE C 222 31.49 27.95 -29.03
C PHE C 222 30.57 28.60 -30.06
N ALA C 223 29.35 28.08 -30.21
CA ALA C 223 28.40 28.68 -31.15
C ALA C 223 28.19 30.15 -30.77
N PRO C 224 28.24 31.08 -31.74
CA PRO C 224 28.04 32.49 -31.41
C PRO C 224 26.60 32.82 -31.01
N SER C 225 26.42 33.90 -30.25
CA SER C 225 25.09 34.31 -29.82
C SER C 225 24.25 34.80 -30.99
N SER C 226 24.92 35.18 -32.08
CA SER C 226 24.25 35.66 -33.28
C SER C 226 23.35 34.60 -33.90
N LEU C 227 23.59 33.35 -33.51
CA LEU C 227 22.82 32.23 -34.03
C LEU C 227 21.54 31.99 -33.25
N PHE C 228 21.31 32.80 -32.22
CA PHE C 228 20.13 32.63 -31.38
C PHE C 228 19.26 33.88 -31.29
N ASP C 229 17.99 33.68 -30.97
CA ASP C 229 17.05 34.78 -30.79
C ASP C 229 17.08 35.15 -29.31
N LEU C 230 17.95 36.11 -29.00
CA LEU C 230 18.18 36.58 -27.64
C LEU C 230 17.07 37.37 -26.96
N ASN C 231 15.92 36.75 -26.74
CA ASN C 231 14.82 37.44 -26.04
C ASN C 231 13.98 36.41 -25.31
N PHE C 232 13.49 36.78 -24.13
CA PHE C 232 12.68 35.89 -23.31
C PHE C 232 11.53 35.30 -24.11
N GLN C 233 10.95 36.13 -24.97
CA GLN C 233 9.84 35.72 -25.82
C GLN C 233 10.20 34.52 -26.69
N ALA C 234 11.35 34.60 -27.36
CA ALA C 234 11.83 33.54 -28.24
C ALA C 234 12.37 32.33 -27.46
N GLY C 235 12.49 32.48 -26.15
CA GLY C 235 12.99 31.39 -25.31
C GLY C 235 14.47 31.15 -25.48
N PHE C 236 15.13 32.06 -26.18
CA PHE C 236 16.56 31.97 -26.43
C PHE C 236 16.91 30.70 -27.21
N LEU C 237 16.05 30.37 -28.18
CA LEU C 237 16.29 29.21 -29.01
C LEU C 237 17.08 29.66 -30.24
N MET C 238 17.61 28.69 -30.97
CA MET C 238 18.40 28.96 -32.17
C MET C 238 17.46 29.45 -33.27
N LYS C 239 17.96 30.36 -34.09
CA LYS C 239 17.16 30.92 -35.19
C LYS C 239 16.74 29.85 -36.20
N LYS C 240 15.57 30.05 -36.80
CA LYS C 240 15.00 29.14 -37.78
C LYS C 240 15.94 28.89 -38.96
N GLU C 241 16.46 29.97 -39.54
CA GLU C 241 17.36 29.85 -40.68
C GLU C 241 18.54 29.00 -40.25
N VAL C 242 19.06 29.30 -39.06
CA VAL C 242 20.20 28.58 -38.53
C VAL C 242 19.90 27.10 -38.39
N GLN C 243 18.76 26.78 -37.77
CA GLN C 243 18.40 25.37 -37.58
C GLN C 243 18.34 24.60 -38.87
N ASP C 244 17.65 25.15 -39.86
CA ASP C 244 17.52 24.51 -41.15
C ASP C 244 18.87 24.37 -41.82
N GLU C 245 19.66 25.43 -41.82
CA GLU C 245 20.97 25.39 -42.45
C GLU C 245 21.92 24.45 -41.72
N GLU C 246 21.54 24.06 -40.51
CA GLU C 246 22.38 23.17 -39.71
C GLU C 246 22.00 21.72 -39.91
N LYS C 247 20.77 21.47 -40.36
CA LYS C 247 20.30 20.11 -40.59
C LYS C 247 21.07 19.36 -41.67
N ASN C 248 21.80 20.09 -42.51
CA ASN C 248 22.60 19.50 -43.59
C ASN C 248 24.03 19.15 -43.16
N LYS C 249 24.38 19.49 -41.93
CA LYS C 249 25.71 19.23 -41.38
C LYS C 249 25.77 17.93 -40.58
N LYS C 250 26.91 17.24 -40.71
CA LYS C 250 27.15 15.96 -40.03
C LYS C 250 27.36 16.08 -38.52
N PHE C 251 28.17 17.04 -38.11
CA PHE C 251 28.49 17.27 -36.70
C PHE C 251 27.68 18.39 -36.09
N GLY C 252 27.46 18.30 -34.78
CA GLY C 252 26.75 19.34 -34.08
C GLY C 252 27.73 20.49 -33.94
N LEU C 253 27.28 21.61 -33.38
CA LEU C 253 28.14 22.78 -33.22
C LEU C 253 29.18 22.66 -32.10
N SER C 254 28.83 21.96 -31.03
CA SER C 254 29.75 21.82 -29.90
C SER C 254 29.25 20.71 -28.99
N VAL C 255 29.87 20.54 -27.83
CA VAL C 255 29.43 19.51 -26.90
C VAL C 255 28.01 19.80 -26.42
N GLY C 256 27.76 21.06 -26.02
CA GLY C 256 26.45 21.44 -25.53
C GLY C 256 25.42 21.60 -26.65
N HIS C 257 25.90 21.99 -27.83
CA HIS C 257 25.03 22.15 -28.98
C HIS C 257 25.31 21.06 -29.98
N HIS C 258 25.25 19.80 -29.51
CA HIS C 258 25.49 18.64 -30.36
C HIS C 258 24.29 18.38 -31.29
N LEU C 259 23.18 19.04 -31.00
CA LEU C 259 21.97 18.93 -31.81
C LEU C 259 21.51 17.50 -32.08
N GLY C 260 21.97 16.56 -31.25
CA GLY C 260 21.59 15.17 -31.42
C GLY C 260 22.47 14.43 -32.39
N LYS C 261 23.42 15.14 -32.98
CA LYS C 261 24.35 14.56 -33.95
C LYS C 261 25.68 14.26 -33.29
N SER C 262 26.68 13.93 -34.10
CA SER C 262 28.00 13.63 -33.57
C SER C 262 28.66 14.89 -33.03
N ILE C 263 29.36 14.74 -31.92
CA ILE C 263 30.06 15.85 -31.30
C ILE C 263 31.40 16.04 -32.00
N PRO C 264 31.70 17.28 -32.43
CA PRO C 264 32.99 17.49 -33.10
C PRO C 264 34.13 17.11 -32.15
N THR C 265 35.04 16.28 -32.64
CA THR C 265 36.18 15.79 -31.87
C THR C 265 36.95 16.84 -31.07
N ASP C 266 37.13 16.55 -29.78
CA ASP C 266 37.85 17.43 -28.85
C ASP C 266 37.45 18.91 -28.95
N ASN C 267 36.16 19.15 -28.98
CA ASN C 267 35.60 20.49 -29.07
C ASN C 267 36.01 21.34 -27.86
N GLN C 268 36.14 20.71 -26.70
CA GLN C 268 36.51 21.42 -25.48
C GLN C 268 37.98 21.23 -25.11
N ILE C 269 38.72 20.52 -25.96
CA ILE C 269 40.13 20.26 -25.70
C ILE C 269 41.07 20.87 -26.73
N LYS C 270 40.63 20.96 -27.99
CA LYS C 270 41.43 21.53 -29.06
C LYS C 270 40.69 22.61 -29.86
N ALA C 271 41.42 23.65 -30.27
CA ALA C 271 40.85 24.73 -31.08
C ALA C 271 40.56 24.27 -32.50
N ARG C 272 40.55 25.19 -33.47
CA ARG C 272 40.24 24.86 -34.86
C ARG C 272 38.71 24.70 -34.91
N LYS C 273 38.04 25.84 -35.12
CA LYS C 273 36.58 26.01 -35.11
C LYS C 273 35.76 25.66 -36.35
N ALA D 1 -38.72 10.25 7.28
CA ALA D 1 -39.41 8.94 7.55
C ALA D 1 -39.20 7.95 6.42
N GLY D 2 -40.21 7.09 6.25
CA GLY D 2 -40.14 6.10 5.20
C GLY D 2 -41.33 6.23 4.27
N ARG D 3 -41.10 5.97 2.99
CA ARG D 3 -42.17 6.04 2.02
C ARG D 3 -42.20 4.79 1.18
N ARG D 4 -41.16 3.96 1.30
CA ARG D 4 -41.08 2.72 0.53
C ARG D 4 -40.83 1.47 1.37
N ALA D 5 -41.66 0.45 1.15
CA ALA D 5 -41.51 -0.82 1.88
C ALA D 5 -41.35 -2.03 0.97
N LEU D 6 -40.61 -3.02 1.46
CA LEU D 6 -40.39 -4.28 0.73
C LEU D 6 -40.83 -5.38 1.68
N ILE D 7 -41.70 -6.28 1.20
CA ILE D 7 -42.20 -7.38 2.01
C ILE D 7 -41.66 -8.67 1.41
N VAL D 8 -40.85 -9.40 2.18
CA VAL D 8 -40.28 -10.66 1.70
C VAL D 8 -41.05 -11.82 2.34
N LEU D 9 -41.79 -12.57 1.53
CA LEU D 9 -42.60 -13.69 2.01
C LEU D 9 -42.00 -15.05 1.64
N ALA D 10 -41.97 -15.96 2.60
CA ALA D 10 -41.44 -17.31 2.36
C ALA D 10 -42.45 -18.37 2.77
N HIS D 11 -43.44 -18.59 1.92
CA HIS D 11 -44.43 -19.62 2.17
C HIS D 11 -45.02 -20.02 0.83
N SER D 12 -45.17 -21.31 0.59
CA SER D 12 -45.68 -21.76 -0.70
C SER D 12 -47.18 -21.60 -0.96
N GLU D 13 -47.99 -21.56 0.10
CA GLU D 13 -49.44 -21.48 -0.06
C GLU D 13 -50.11 -20.11 0.01
N ARG D 14 -50.89 -19.79 -1.03
CA ARG D 14 -51.66 -18.55 -1.12
C ARG D 14 -52.73 -18.58 -0.03
N THR D 15 -53.05 -19.78 0.42
CA THR D 15 -54.08 -20.00 1.43
C THR D 15 -53.60 -19.94 2.88
N SER D 16 -52.30 -19.73 3.09
CA SER D 16 -51.74 -19.70 4.44
C SER D 16 -51.98 -18.39 5.19
N PHE D 17 -51.81 -18.44 6.50
CA PHE D 17 -51.98 -17.24 7.30
C PHE D 17 -50.84 -16.30 6.95
N ASN D 18 -49.68 -16.86 6.61
CA ASN D 18 -48.53 -16.02 6.23
C ASN D 18 -48.88 -15.19 5.02
N TYR D 19 -49.59 -15.77 4.07
CA TYR D 19 -49.98 -14.98 2.90
C TYR D 19 -50.94 -13.88 3.36
N ALA D 20 -51.84 -14.21 4.29
CA ALA D 20 -52.80 -13.23 4.81
C ALA D 20 -52.11 -12.05 5.51
N MET D 21 -51.06 -12.35 6.26
CA MET D 21 -50.31 -11.33 6.97
C MET D 21 -49.63 -10.42 5.98
N LYS D 22 -49.21 -10.98 4.85
CA LYS D 22 -48.54 -10.20 3.82
C LYS D 22 -49.53 -9.24 3.13
N GLU D 23 -50.74 -9.72 2.86
CA GLU D 23 -51.76 -8.87 2.23
C GLU D 23 -52.12 -7.74 3.20
N ALA D 24 -52.25 -8.07 4.48
CA ALA D 24 -52.61 -7.11 5.51
C ALA D 24 -51.60 -5.98 5.58
N ALA D 25 -50.33 -6.35 5.63
CA ALA D 25 -49.25 -5.37 5.70
C ALA D 25 -49.28 -4.45 4.48
N ALA D 26 -49.43 -5.04 3.30
CA ALA D 26 -49.46 -4.26 2.05
C ALA D 26 -50.61 -3.25 2.06
N ALA D 27 -51.79 -3.73 2.41
CA ALA D 27 -52.99 -2.91 2.47
C ALA D 27 -52.85 -1.73 3.42
N ALA D 28 -52.42 -2.02 4.63
CA ALA D 28 -52.24 -1.02 5.67
C ALA D 28 -51.23 0.06 5.29
N LEU D 29 -50.06 -0.36 4.80
CA LEU D 29 -49.02 0.59 4.38
C LEU D 29 -49.45 1.44 3.19
N LYS D 30 -50.21 0.87 2.27
CA LYS D 30 -50.67 1.64 1.12
C LYS D 30 -51.63 2.73 1.53
N LYS D 31 -52.54 2.42 2.47
CA LYS D 31 -53.48 3.43 2.94
C LYS D 31 -52.75 4.61 3.57
N LYS D 32 -51.58 4.32 4.13
CA LYS D 32 -50.76 5.32 4.79
C LYS D 32 -49.91 6.09 3.79
N GLY D 33 -50.05 5.76 2.50
CA GLY D 33 -49.29 6.45 1.47
C GLY D 33 -47.95 5.83 1.08
N TRP D 34 -47.62 4.67 1.65
CA TRP D 34 -46.36 3.99 1.33
C TRP D 34 -46.45 3.32 -0.04
N GLU D 35 -45.29 3.12 -0.66
CA GLU D 35 -45.20 2.40 -1.92
C GLU D 35 -44.74 1.03 -1.44
N VAL D 36 -45.39 -0.02 -1.89
CA VAL D 36 -45.03 -1.37 -1.44
C VAL D 36 -44.62 -2.32 -2.57
N VAL D 37 -43.47 -2.98 -2.39
CA VAL D 37 -42.96 -3.96 -3.35
C VAL D 37 -42.86 -5.33 -2.67
N GLU D 38 -42.99 -6.40 -3.45
CA GLU D 38 -42.94 -7.74 -2.87
C GLU D 38 -41.93 -8.70 -3.47
N SER D 39 -41.48 -9.64 -2.64
CA SER D 39 -40.58 -10.72 -3.03
C SER D 39 -41.23 -11.99 -2.46
N ASP D 40 -42.15 -12.56 -3.23
CA ASP D 40 -42.83 -13.79 -2.82
C ASP D 40 -41.90 -14.87 -3.38
N LEU D 41 -40.96 -15.34 -2.55
CA LEU D 41 -39.94 -16.33 -2.97
C LEU D 41 -40.45 -17.58 -3.68
N TYR D 42 -41.48 -18.22 -3.15
CA TYR D 42 -42.02 -19.41 -3.80
C TYR D 42 -42.62 -19.07 -5.16
N ALA D 43 -43.41 -18.00 -5.22
CA ALA D 43 -44.04 -17.59 -6.47
C ALA D 43 -43.01 -17.16 -7.52
N MET D 44 -41.89 -16.60 -7.09
CA MET D 44 -40.82 -16.19 -7.99
C MET D 44 -39.97 -17.40 -8.36
N ASN D 45 -40.28 -18.55 -7.74
CA ASN D 45 -39.51 -19.78 -7.95
C ASN D 45 -38.03 -19.41 -7.75
N PHE D 46 -37.75 -18.70 -6.65
CA PHE D 46 -36.40 -18.25 -6.36
C PHE D 46 -35.42 -19.39 -6.06
N ASN D 47 -34.25 -19.34 -6.70
CA ASN D 47 -33.22 -20.35 -6.48
C ASN D 47 -32.46 -19.97 -5.21
N PRO D 48 -32.53 -20.82 -4.18
CA PRO D 48 -31.84 -20.51 -2.92
C PRO D 48 -30.42 -21.05 -2.75
N ILE D 49 -29.89 -21.76 -3.76
CA ILE D 49 -28.56 -22.35 -3.63
C ILE D 49 -27.41 -21.59 -4.30
N ILE D 50 -26.41 -21.23 -3.51
CA ILE D 50 -25.25 -20.53 -4.06
C ILE D 50 -24.44 -21.47 -4.95
N SER D 51 -23.92 -20.93 -6.05
CA SER D 51 -23.10 -21.72 -6.95
C SER D 51 -22.23 -20.80 -7.81
N ARG D 52 -21.33 -21.39 -8.58
CA ARG D 52 -20.47 -20.60 -9.44
C ARG D 52 -21.26 -20.00 -10.58
N LYS D 53 -22.54 -20.37 -10.68
CA LYS D 53 -23.40 -19.84 -11.73
C LYS D 53 -24.01 -18.48 -11.33
N ASP D 54 -23.77 -18.07 -10.09
CA ASP D 54 -24.24 -16.77 -9.61
C ASP D 54 -23.34 -15.68 -10.21
N ILE D 55 -22.26 -16.11 -10.85
CA ILE D 55 -21.31 -15.22 -11.50
C ILE D 55 -21.49 -15.42 -13.02
N THR D 56 -21.95 -14.37 -13.71
CA THR D 56 -22.20 -14.44 -15.16
C THR D 56 -20.98 -14.15 -16.04
N GLY D 57 -19.90 -14.90 -15.87
CA GLY D 57 -18.71 -14.68 -16.65
C GLY D 57 -17.59 -15.52 -16.09
N LYS D 58 -16.36 -15.24 -16.50
CA LYS D 58 -15.21 -16.00 -16.03
C LYS D 58 -14.91 -15.77 -14.55
N LEU D 59 -14.49 -16.83 -13.87
CA LEU D 59 -14.14 -16.77 -12.45
C LEU D 59 -12.67 -16.39 -12.28
N LYS D 60 -12.36 -15.67 -11.20
CA LYS D 60 -10.99 -15.26 -10.94
C LYS D 60 -10.11 -16.50 -10.80
N ASP D 61 -10.60 -17.45 -10.00
CA ASP D 61 -9.87 -18.69 -9.75
C ASP D 61 -10.77 -19.93 -9.83
N PRO D 62 -11.06 -20.42 -11.04
CA PRO D 62 -11.92 -21.60 -11.19
C PRO D 62 -11.32 -22.85 -10.56
N ALA D 63 -10.01 -22.85 -10.37
CA ALA D 63 -9.30 -23.98 -9.79
C ALA D 63 -9.59 -24.19 -8.32
N ASN D 64 -9.77 -23.09 -7.59
CA ASN D 64 -10.06 -23.15 -6.17
C ASN D 64 -11.16 -22.13 -5.92
N PHE D 65 -12.39 -22.50 -6.27
CA PHE D 65 -13.52 -21.60 -6.12
C PHE D 65 -13.89 -21.26 -4.67
N GLN D 66 -13.98 -19.97 -4.37
CA GLN D 66 -14.36 -19.52 -3.04
C GLN D 66 -15.45 -18.47 -3.22
N TYR D 67 -16.66 -18.83 -2.82
CA TYR D 67 -17.82 -17.94 -3.02
C TYR D 67 -17.74 -16.49 -2.55
N PRO D 68 -17.30 -16.23 -1.31
CA PRO D 68 -17.23 -14.84 -0.83
C PRO D 68 -16.42 -13.91 -1.75
N ALA D 69 -15.18 -14.28 -2.06
CA ALA D 69 -14.34 -13.47 -2.91
C ALA D 69 -14.89 -13.33 -4.32
N GLU D 70 -15.28 -14.45 -4.91
CA GLU D 70 -15.82 -14.44 -6.28
C GLU D 70 -17.10 -13.64 -6.40
N SER D 71 -18.00 -13.74 -5.41
CA SER D 71 -19.25 -13.00 -5.49
C SER D 71 -19.08 -11.49 -5.31
N VAL D 72 -18.16 -11.09 -4.44
CA VAL D 72 -17.90 -9.67 -4.22
C VAL D 72 -17.30 -9.09 -5.51
N LEU D 73 -16.40 -9.85 -6.13
CA LEU D 73 -15.78 -9.41 -7.37
C LEU D 73 -16.84 -9.24 -8.45
N ALA D 74 -17.79 -10.17 -8.52
CA ALA D 74 -18.85 -10.10 -9.51
C ALA D 74 -19.74 -8.90 -9.24
N TYR D 75 -19.94 -8.57 -7.97
CA TYR D 75 -20.77 -7.42 -7.61
C TYR D 75 -20.13 -6.13 -8.11
N LYS D 76 -18.83 -5.99 -7.87
CA LYS D 76 -18.09 -4.81 -8.27
C LYS D 76 -18.03 -4.61 -9.77
N GLU D 77 -17.82 -5.71 -10.51
CA GLU D 77 -17.72 -5.65 -11.95
C GLU D 77 -19.06 -5.79 -12.68
N GLY D 78 -20.15 -5.95 -11.91
CA GLY D 78 -21.46 -6.07 -12.52
C GLY D 78 -21.77 -7.42 -13.16
N HIS D 79 -21.19 -8.49 -12.63
CA HIS D 79 -21.42 -9.82 -13.17
C HIS D 79 -22.21 -10.76 -12.28
N LEU D 80 -23.06 -10.23 -11.42
CA LEU D 80 -23.89 -11.08 -10.56
C LEU D 80 -25.11 -11.48 -11.37
N SER D 81 -25.58 -12.71 -11.14
CA SER D 81 -26.76 -13.21 -11.86
C SER D 81 -27.89 -12.17 -11.79
N PRO D 82 -28.59 -11.94 -12.91
CA PRO D 82 -29.68 -10.96 -12.95
C PRO D 82 -30.74 -11.09 -11.85
N ASP D 83 -31.08 -12.32 -11.45
CA ASP D 83 -32.09 -12.53 -10.40
C ASP D 83 -31.60 -11.98 -9.06
N ILE D 84 -30.31 -12.07 -8.79
CA ILE D 84 -29.76 -11.53 -7.56
C ILE D 84 -29.83 -9.99 -7.60
N VAL D 85 -29.38 -9.40 -8.72
CA VAL D 85 -29.39 -7.95 -8.87
C VAL D 85 -30.77 -7.34 -8.74
N ALA D 86 -31.79 -8.02 -9.25
CA ALA D 86 -33.14 -7.48 -9.17
C ALA D 86 -33.57 -7.37 -7.71
N GLU D 87 -33.18 -8.34 -6.89
CA GLU D 87 -33.53 -8.33 -5.47
C GLU D 87 -32.74 -7.25 -4.73
N GLN D 88 -31.48 -7.09 -5.09
CA GLN D 88 -30.66 -6.09 -4.46
C GLN D 88 -31.23 -4.71 -4.78
N LYS D 89 -31.81 -4.54 -5.97
CA LYS D 89 -32.40 -3.24 -6.33
C LYS D 89 -33.58 -2.91 -5.43
N LYS D 90 -34.37 -3.93 -5.09
CA LYS D 90 -35.53 -3.75 -4.22
C LYS D 90 -35.08 -3.34 -2.82
N LEU D 91 -33.98 -3.92 -2.35
CA LEU D 91 -33.46 -3.57 -1.03
C LEU D 91 -33.01 -2.11 -0.97
N GLU D 92 -32.24 -1.69 -1.97
CA GLU D 92 -31.74 -0.32 -2.00
C GLU D 92 -32.83 0.74 -2.07
N ALA D 93 -33.99 0.37 -2.59
CA ALA D 93 -35.09 1.32 -2.71
C ALA D 93 -35.92 1.39 -1.45
N ALA D 94 -35.98 0.28 -0.71
CA ALA D 94 -36.79 0.20 0.49
C ALA D 94 -36.27 0.90 1.75
N ASP D 95 -37.20 1.48 2.51
CA ASP D 95 -36.88 2.14 3.78
C ASP D 95 -37.18 1.12 4.86
N LEU D 96 -38.26 0.37 4.64
CA LEU D 96 -38.70 -0.66 5.56
C LEU D 96 -38.73 -2.04 4.86
N VAL D 97 -38.18 -3.05 5.52
CA VAL D 97 -38.18 -4.42 4.96
C VAL D 97 -38.84 -5.34 5.97
N ILE D 98 -39.87 -6.05 5.54
CA ILE D 98 -40.59 -6.97 6.41
C ILE D 98 -40.37 -8.40 5.96
N PHE D 99 -39.96 -9.26 6.88
CA PHE D 99 -39.77 -10.67 6.58
C PHE D 99 -40.91 -11.47 7.22
N GLN D 100 -41.80 -11.95 6.36
CA GLN D 100 -42.97 -12.72 6.77
C GLN D 100 -42.71 -14.20 6.51
N PHE D 101 -42.65 -14.98 7.57
CA PHE D 101 -42.40 -16.41 7.40
C PHE D 101 -42.75 -17.25 8.62
N PRO D 102 -43.00 -18.56 8.40
CA PRO D 102 -43.32 -19.51 9.46
C PRO D 102 -41.98 -20.00 10.01
N LEU D 103 -41.89 -20.14 11.33
CA LEU D 103 -40.64 -20.62 11.91
C LEU D 103 -40.47 -22.08 11.50
N GLN D 104 -39.30 -22.43 10.98
CA GLN D 104 -39.04 -23.81 10.57
C GLN D 104 -37.71 -24.30 11.13
N TRP D 105 -37.79 -25.37 11.92
CA TRP D 105 -36.63 -25.92 12.59
C TRP D 105 -35.85 -24.82 13.30
N PHE D 106 -36.59 -24.06 14.10
CA PHE D 106 -36.06 -22.98 14.92
C PHE D 106 -35.27 -21.92 14.18
N GLY D 107 -35.65 -21.68 12.93
CA GLY D 107 -34.98 -20.67 12.13
C GLY D 107 -35.83 -20.29 10.94
N VAL D 108 -35.23 -19.70 9.92
CA VAL D 108 -35.97 -19.30 8.72
C VAL D 108 -36.05 -20.44 7.73
N PRO D 109 -37.07 -20.43 6.85
CA PRO D 109 -37.19 -21.51 5.87
C PRO D 109 -35.92 -21.53 4.99
N ALA D 110 -35.55 -22.71 4.48
CA ALA D 110 -34.37 -22.82 3.64
C ALA D 110 -34.39 -21.84 2.47
N ILE D 111 -35.56 -21.64 1.86
CA ILE D 111 -35.64 -20.74 0.71
C ILE D 111 -35.27 -19.29 1.06
N LEU D 112 -35.57 -18.87 2.29
CA LEU D 112 -35.24 -17.52 2.76
C LEU D 112 -33.76 -17.48 3.18
N LYS D 113 -33.28 -18.56 3.78
CA LYS D 113 -31.88 -18.61 4.18
C LYS D 113 -31.04 -18.46 2.90
N GLY D 114 -31.47 -19.13 1.82
CA GLY D 114 -30.79 -19.04 0.54
C GLY D 114 -30.87 -17.64 -0.07
N TRP D 115 -31.96 -16.92 0.17
CA TRP D 115 -32.12 -15.55 -0.34
C TRP D 115 -31.04 -14.68 0.34
N PHE D 116 -30.88 -14.80 1.66
CA PHE D 116 -29.84 -14.04 2.35
C PHE D 116 -28.46 -14.42 1.79
N GLU D 117 -28.18 -15.71 1.67
CA GLU D 117 -26.90 -16.18 1.15
C GLU D 117 -26.56 -15.64 -0.24
N ARG D 118 -27.53 -15.63 -1.15
CA ARG D 118 -27.25 -15.12 -2.50
C ARG D 118 -27.46 -13.61 -2.69
N VAL D 119 -28.30 -12.99 -1.86
CA VAL D 119 -28.56 -11.55 -2.02
C VAL D 119 -27.65 -10.64 -1.19
N PHE D 120 -27.41 -11.02 0.06
CA PHE D 120 -26.58 -10.22 0.95
C PHE D 120 -25.12 -10.50 0.65
N ILE D 121 -24.65 -10.00 -0.50
CA ILE D 121 -23.29 -10.19 -0.97
C ILE D 121 -22.38 -9.11 -0.36
N GLY D 122 -21.13 -9.48 -0.08
CA GLY D 122 -20.19 -8.54 0.49
C GLY D 122 -20.09 -7.24 -0.32
N GLU D 123 -19.82 -6.14 0.37
CA GLU D 123 -19.71 -4.80 -0.24
C GLU D 123 -21.08 -4.19 -0.46
N PHE D 124 -22.02 -5.00 -0.93
CA PHE D 124 -23.37 -4.52 -1.14
C PHE D 124 -24.14 -4.46 0.17
N ALA D 125 -24.08 -5.57 0.92
CA ALA D 125 -24.80 -5.71 2.17
C ALA D 125 -23.96 -5.57 3.43
N TYR D 126 -22.64 -5.76 3.31
CA TYR D 126 -21.73 -5.64 4.46
C TYR D 126 -20.26 -5.57 4.07
N THR D 127 -19.45 -5.03 4.99
CA THR D 127 -18.00 -4.97 4.84
C THR D 127 -17.46 -5.14 6.24
N TYR D 128 -16.30 -5.79 6.35
CA TYR D 128 -15.71 -6.01 7.66
C TYR D 128 -15.27 -4.67 8.25
N ALA D 129 -15.09 -3.68 7.39
CA ALA D 129 -14.66 -2.34 7.79
C ALA D 129 -15.81 -1.50 8.33
N ALA D 130 -17.03 -1.97 8.12
CA ALA D 130 -18.22 -1.27 8.58
C ALA D 130 -19.32 -2.26 8.96
N MET D 131 -19.03 -3.11 9.93
CA MET D 131 -19.99 -4.11 10.37
C MET D 131 -21.06 -3.47 11.26
N TYR D 132 -22.13 -4.22 11.50
CA TYR D 132 -23.23 -3.83 12.37
C TYR D 132 -23.79 -2.40 12.23
N ASP D 133 -23.77 -1.59 13.28
CA ASP D 133 -24.38 -0.26 13.16
C ASP D 133 -23.79 0.67 12.09
N LYS D 134 -22.61 0.34 11.58
CA LYS D 134 -22.00 1.16 10.54
C LYS D 134 -22.26 0.54 9.15
N GLY D 135 -23.10 -0.49 9.13
CA GLY D 135 -23.42 -1.18 7.89
C GLY D 135 -24.20 -0.38 6.87
N PRO D 136 -24.22 -0.82 5.60
CA PRO D 136 -24.90 -0.19 4.48
C PRO D 136 -26.40 0.06 4.65
N PHE D 137 -27.07 -0.77 5.46
CA PHE D 137 -28.51 -0.60 5.65
C PHE D 137 -28.90 0.19 6.91
N ARG D 138 -27.98 0.99 7.44
CA ARG D 138 -28.27 1.78 8.64
C ARG D 138 -29.42 2.79 8.54
N SER D 139 -29.80 3.17 7.34
CA SER D 139 -30.90 4.12 7.19
C SER D 139 -32.21 3.38 7.01
N LYS D 140 -32.14 2.06 7.01
CA LYS D 140 -33.34 1.24 6.84
C LYS D 140 -33.68 0.55 8.15
N LYS D 141 -34.93 0.11 8.25
CA LYS D 141 -35.42 -0.61 9.41
C LYS D 141 -35.97 -1.95 8.94
N ALA D 142 -35.73 -3.00 9.73
CA ALA D 142 -36.21 -4.33 9.38
C ALA D 142 -37.06 -4.90 10.52
N VAL D 143 -37.99 -5.78 10.16
CA VAL D 143 -38.86 -6.40 11.15
C VAL D 143 -39.20 -7.82 10.72
N LEU D 144 -39.15 -8.74 11.68
CA LEU D 144 -39.50 -10.13 11.42
C LEU D 144 -40.95 -10.35 11.87
N SER D 145 -41.77 -10.90 10.98
CA SER D 145 -43.14 -11.25 11.33
C SER D 145 -43.15 -12.79 11.22
N ILE D 146 -43.15 -13.45 12.37
CA ILE D 146 -43.07 -14.92 12.44
C ILE D 146 -44.30 -15.62 13.00
N THR D 147 -44.62 -16.78 12.44
CA THR D 147 -45.74 -17.60 12.89
C THR D 147 -45.11 -18.91 13.37
N THR D 148 -45.69 -19.55 14.38
CA THR D 148 -45.13 -20.81 14.84
C THR D 148 -46.20 -21.85 15.11
N GLY D 149 -45.77 -23.10 15.25
CA GLY D 149 -46.68 -24.17 15.57
C GLY D 149 -46.74 -24.27 17.09
N GLY D 150 -45.59 -24.08 17.73
CA GLY D 150 -45.49 -24.14 19.18
C GLY D 150 -46.02 -22.92 19.90
N SER D 151 -46.64 -23.12 21.06
CA SER D 151 -47.22 -22.03 21.84
C SER D 151 -46.18 -21.13 22.50
N GLY D 152 -46.63 -19.93 22.86
CA GLY D 152 -45.77 -18.97 23.51
C GLY D 152 -45.13 -19.44 24.80
N SER D 153 -45.83 -20.24 25.61
CA SER D 153 -45.24 -20.71 26.86
C SER D 153 -44.07 -21.65 26.56
N MET D 154 -44.18 -22.42 25.48
CA MET D 154 -43.11 -23.33 25.07
C MET D 154 -41.81 -22.58 24.83
N TYR D 155 -41.95 -21.32 24.43
CA TYR D 155 -40.81 -20.46 24.13
C TYR D 155 -40.45 -19.45 25.23
N SER D 156 -41.05 -19.60 26.41
CA SER D 156 -40.75 -18.71 27.53
C SER D 156 -39.49 -19.25 28.22
N LEU D 157 -38.97 -18.51 29.19
CA LEU D 157 -37.75 -18.93 29.88
C LEU D 157 -37.84 -20.33 30.50
N GLN D 158 -39.05 -20.73 30.92
CA GLN D 158 -39.25 -22.04 31.52
C GLN D 158 -39.89 -23.06 30.57
N GLY D 159 -40.16 -22.66 29.32
CA GLY D 159 -40.74 -23.57 28.35
C GLY D 159 -39.74 -24.60 27.84
N ILE D 160 -40.23 -25.75 27.39
CA ILE D 160 -39.34 -26.83 26.94
C ILE D 160 -38.39 -26.50 25.77
N HIS D 161 -38.80 -25.60 24.88
CA HIS D 161 -37.96 -25.22 23.74
C HIS D 161 -36.91 -24.21 24.18
N GLY D 162 -37.19 -23.51 25.28
CA GLY D 162 -36.25 -22.52 25.77
C GLY D 162 -36.57 -21.12 25.24
N ASP D 163 -35.87 -20.13 25.78
CA ASP D 163 -36.06 -18.72 25.44
C ASP D 163 -36.03 -18.37 23.94
N MET D 164 -37.13 -17.77 23.48
CA MET D 164 -37.24 -17.34 22.09
C MET D 164 -36.18 -16.27 21.73
N ASN D 165 -35.75 -15.50 22.72
CA ASN D 165 -34.75 -14.46 22.50
C ASN D 165 -33.43 -15.05 21.98
N VAL D 166 -33.15 -16.30 22.35
CA VAL D 166 -31.93 -16.98 21.89
C VAL D 166 -32.09 -17.46 20.44
N ILE D 167 -33.29 -17.91 20.10
CA ILE D 167 -33.60 -18.36 18.75
C ILE D 167 -33.53 -17.19 17.75
N LEU D 168 -34.07 -16.04 18.15
CA LEU D 168 -34.07 -14.86 17.29
C LEU D 168 -32.70 -14.21 17.10
N TRP D 169 -31.82 -14.39 18.08
CA TRP D 169 -30.49 -13.78 18.04
C TRP D 169 -29.70 -13.96 16.74
N PRO D 170 -29.48 -15.22 16.29
CA PRO D 170 -28.73 -15.49 15.06
C PRO D 170 -29.26 -14.74 13.84
N ILE D 171 -30.58 -14.60 13.75
CA ILE D 171 -31.22 -13.92 12.62
C ILE D 171 -31.15 -12.39 12.76
N GLN D 172 -31.67 -11.87 13.87
CA GLN D 172 -31.71 -10.43 14.09
C GLN D 172 -30.36 -9.74 14.29
N SER D 173 -29.41 -10.39 14.95
CA SER D 173 -28.12 -9.78 15.11
C SER D 173 -27.21 -10.22 13.98
N GLY D 174 -27.01 -11.53 13.87
CA GLY D 174 -26.13 -12.06 12.86
C GLY D 174 -26.43 -11.74 11.42
N ILE D 175 -27.69 -11.59 11.04
CA ILE D 175 -27.97 -11.31 9.65
C ILE D 175 -28.42 -9.87 9.41
N LEU D 176 -29.52 -9.48 10.04
CA LEU D 176 -30.05 -8.13 9.84
C LEU D 176 -29.18 -6.99 10.37
N HIS D 177 -28.91 -7.00 11.67
CA HIS D 177 -28.13 -5.94 12.28
C HIS D 177 -26.69 -5.90 11.77
N PHE D 178 -26.11 -7.07 11.47
CA PHE D 178 -24.75 -7.14 10.97
C PHE D 178 -24.63 -6.31 9.69
N CYS D 179 -25.69 -6.26 8.91
CA CYS D 179 -25.70 -5.51 7.66
C CYS D 179 -26.10 -4.04 7.83
N GLY D 180 -26.37 -3.64 9.08
CA GLY D 180 -26.72 -2.27 9.38
C GLY D 180 -28.17 -1.94 9.72
N PHE D 181 -29.08 -2.87 9.47
CA PHE D 181 -30.49 -2.62 9.75
C PHE D 181 -30.78 -2.26 11.19
N GLN D 182 -31.70 -1.32 11.38
CA GLN D 182 -32.17 -1.00 12.71
C GLN D 182 -33.28 -2.03 12.76
N VAL D 183 -33.22 -2.94 13.74
CA VAL D 183 -34.23 -3.98 13.85
C VAL D 183 -35.33 -3.60 14.83
N LEU D 184 -36.58 -3.67 14.36
CA LEU D 184 -37.72 -3.34 15.20
C LEU D 184 -38.20 -4.59 15.92
N GLU D 185 -39.04 -4.40 16.92
CA GLU D 185 -39.59 -5.51 17.69
C GLU D 185 -40.28 -6.46 16.72
N PRO D 186 -40.00 -7.77 16.82
CA PRO D 186 -40.63 -8.71 15.91
C PRO D 186 -42.10 -8.89 16.22
N GLN D 187 -42.85 -9.24 15.19
CA GLN D 187 -44.28 -9.52 15.29
C GLN D 187 -44.34 -11.05 15.46
N LEU D 188 -44.58 -11.52 16.68
CA LEU D 188 -44.62 -12.97 16.95
C LEU D 188 -46.01 -13.52 17.15
N THR D 189 -46.49 -14.35 16.24
CA THR D 189 -47.81 -14.94 16.42
C THR D 189 -47.65 -16.47 16.61
N TYR D 190 -47.65 -16.86 17.89
CA TYR D 190 -47.48 -18.24 18.34
C TYR D 190 -48.68 -19.15 18.09
N SER D 191 -48.39 -20.43 17.92
CA SER D 191 -49.41 -21.46 17.69
C SER D 191 -50.62 -20.99 16.91
N ILE D 192 -50.37 -20.44 15.72
CA ILE D 192 -51.40 -19.93 14.84
C ILE D 192 -52.35 -21.06 14.41
N GLY D 193 -51.89 -22.30 14.51
CA GLY D 193 -52.72 -23.44 14.15
C GLY D 193 -53.75 -23.81 15.22
N HIS D 194 -53.67 -23.13 16.37
CA HIS D 194 -54.60 -23.38 17.47
C HIS D 194 -55.28 -22.10 17.93
N THR D 195 -55.37 -21.15 17.01
CA THR D 195 -55.98 -19.87 17.31
C THR D 195 -57.35 -19.75 16.65
N PRO D 196 -58.41 -19.49 17.46
CA PRO D 196 -59.79 -19.33 17.00
C PRO D 196 -59.87 -18.35 15.85
N ALA D 197 -60.83 -18.55 14.95
CA ALA D 197 -60.98 -17.69 13.78
C ALA D 197 -61.18 -16.22 14.12
N ASP D 198 -61.90 -15.94 15.20
CA ASP D 198 -62.15 -14.57 15.62
C ASP D 198 -60.83 -13.90 16.00
N ALA D 199 -59.99 -14.66 16.71
CA ALA D 199 -58.69 -14.18 17.16
C ALA D 199 -57.77 -13.92 15.95
N ARG D 200 -57.87 -14.77 14.94
CA ARG D 200 -57.03 -14.63 13.75
C ARG D 200 -57.39 -13.35 13.02
N ILE D 201 -58.66 -12.97 13.05
CA ILE D 201 -59.10 -11.74 12.40
C ILE D 201 -58.50 -10.55 13.12
N GLN D 202 -58.47 -10.66 14.44
CA GLN D 202 -57.92 -9.61 15.29
C GLN D 202 -56.38 -9.49 15.18
N ILE D 203 -55.71 -10.62 14.94
CA ILE D 203 -54.25 -10.63 14.78
C ILE D 203 -53.91 -9.81 13.54
N LEU D 204 -54.65 -10.04 12.47
CA LEU D 204 -54.43 -9.30 11.23
C LEU D 204 -54.68 -7.80 11.43
N GLU D 205 -55.70 -7.44 12.21
CA GLU D 205 -56.00 -6.04 12.45
C GLU D 205 -54.97 -5.35 13.35
N GLY D 206 -54.46 -6.08 14.34
CA GLY D 206 -53.47 -5.53 15.23
C GLY D 206 -52.18 -5.25 14.50
N TRP D 207 -51.90 -6.04 13.47
CA TRP D 207 -50.70 -5.89 12.65
C TRP D 207 -50.89 -4.67 11.74
N LYS D 208 -52.07 -4.52 11.15
CA LYS D 208 -52.30 -3.36 10.29
C LYS D 208 -52.19 -2.07 11.08
N LYS D 209 -52.75 -2.08 12.29
CA LYS D 209 -52.71 -0.91 13.15
C LYS D 209 -51.28 -0.54 13.60
N ARG D 210 -50.45 -1.56 13.83
CA ARG D 210 -49.08 -1.33 14.25
C ARG D 210 -48.28 -0.64 13.15
N LEU D 211 -48.55 -1.03 11.91
CA LEU D 211 -47.87 -0.49 10.75
C LEU D 211 -48.19 0.97 10.46
N GLU D 212 -49.29 1.47 11.01
CA GLU D 212 -49.66 2.86 10.79
C GLU D 212 -48.60 3.80 11.35
N ASN D 213 -47.96 3.40 12.45
CA ASN D 213 -46.93 4.22 13.08
C ASN D 213 -45.61 3.47 13.26
N ILE D 214 -45.38 2.48 12.40
CA ILE D 214 -44.17 1.66 12.46
C ILE D 214 -42.86 2.46 12.45
N TRP D 215 -42.76 3.47 11.60
CA TRP D 215 -41.53 4.26 11.50
C TRP D 215 -41.18 5.08 12.75
N ASP D 216 -42.13 5.25 13.65
CA ASP D 216 -41.91 6.00 14.89
C ASP D 216 -41.36 5.13 15.99
N GLU D 217 -41.50 3.82 15.81
CA GLU D 217 -41.06 2.86 16.81
C GLU D 217 -39.57 2.88 17.16
N THR D 218 -39.29 2.58 18.43
CA THR D 218 -37.93 2.53 18.91
C THR D 218 -37.41 1.11 18.60
N PRO D 219 -36.21 1.01 18.01
CA PRO D 219 -35.60 -0.29 17.66
C PRO D 219 -35.04 -1.08 18.83
N LEU D 220 -34.79 -2.36 18.60
CA LEU D 220 -34.24 -3.23 19.63
C LEU D 220 -32.84 -2.76 19.98
N TYR D 221 -32.33 -3.18 21.13
CA TYR D 221 -30.98 -2.78 21.54
C TYR D 221 -29.88 -3.82 21.31
N PHE D 222 -28.85 -3.40 20.59
CA PHE D 222 -27.68 -4.22 20.30
C PHE D 222 -26.49 -3.42 20.81
N ALA D 223 -25.47 -4.09 21.32
CA ALA D 223 -24.29 -3.39 21.83
C ALA D 223 -23.66 -2.60 20.68
N PRO D 224 -23.36 -1.31 20.88
CA PRO D 224 -22.75 -0.47 19.84
C PRO D 224 -21.34 -0.96 19.46
N SER D 225 -21.00 -0.82 18.17
CA SER D 225 -19.69 -1.27 17.71
C SER D 225 -18.55 -0.46 18.33
N SER D 226 -18.87 0.73 18.82
CA SER D 226 -17.86 1.59 19.45
C SER D 226 -17.33 0.98 20.75
N LEU D 227 -17.92 -0.13 21.18
CA LEU D 227 -17.51 -0.79 22.41
C LEU D 227 -16.45 -1.88 22.15
N PHE D 228 -16.10 -2.09 20.89
CA PHE D 228 -15.12 -3.12 20.52
C PHE D 228 -13.92 -2.56 19.77
N ASP D 229 -12.82 -3.31 19.78
CA ASP D 229 -11.63 -2.94 19.04
C ASP D 229 -11.80 -3.58 17.67
N LEU D 230 -12.38 -2.83 16.74
CA LEU D 230 -12.68 -3.31 15.40
C LEU D 230 -11.50 -3.51 14.45
N ASN D 231 -10.48 -4.24 14.87
CA ASN D 231 -9.36 -4.53 13.98
C ASN D 231 -9.01 -6.01 14.14
N PHE D 232 -8.44 -6.61 13.10
CA PHE D 232 -8.07 -8.02 13.13
C PHE D 232 -7.00 -8.34 14.18
N GLN D 233 -6.15 -7.36 14.46
CA GLN D 233 -5.09 -7.52 15.45
C GLN D 233 -5.70 -7.76 16.84
N ALA D 234 -6.61 -6.87 17.23
CA ALA D 234 -7.29 -6.94 18.52
C ALA D 234 -8.30 -8.10 18.58
N GLY D 235 -8.59 -8.69 17.43
CA GLY D 235 -9.51 -9.81 17.39
C GLY D 235 -10.96 -9.42 17.62
N PHE D 236 -11.26 -8.14 17.37
CA PHE D 236 -12.61 -7.62 17.54
C PHE D 236 -13.20 -7.89 18.92
N LEU D 237 -12.37 -7.76 19.95
CA LEU D 237 -12.77 -7.98 21.33
C LEU D 237 -13.21 -6.66 21.95
N MET D 238 -14.01 -6.72 23.02
CA MET D 238 -14.45 -5.52 23.71
C MET D 238 -13.23 -4.73 24.16
N LYS D 239 -13.34 -3.41 24.16
CA LYS D 239 -12.25 -2.53 24.60
C LYS D 239 -12.01 -2.74 26.10
N LYS D 240 -10.75 -2.69 26.52
CA LYS D 240 -10.42 -2.89 27.94
C LYS D 240 -11.26 -2.01 28.87
N GLU D 241 -11.34 -0.72 28.57
CA GLU D 241 -12.11 0.20 29.41
C GLU D 241 -13.55 -0.25 29.49
N VAL D 242 -14.11 -0.61 28.34
CA VAL D 242 -15.49 -1.08 28.25
C VAL D 242 -15.69 -2.30 29.12
N GLN D 243 -14.78 -3.25 29.03
CA GLN D 243 -14.86 -4.47 29.82
C GLN D 243 -14.92 -4.15 31.32
N ASP D 244 -13.96 -3.35 31.79
CA ASP D 244 -13.90 -2.97 33.20
C ASP D 244 -15.13 -2.23 33.70
N GLU D 245 -15.66 -1.33 32.89
CA GLU D 245 -16.87 -0.59 33.27
C GLU D 245 -18.05 -1.54 33.34
N GLU D 246 -18.04 -2.50 32.43
CA GLU D 246 -19.10 -3.49 32.33
C GLU D 246 -19.10 -4.44 33.53
N LYS D 247 -17.93 -4.58 34.15
CA LYS D 247 -17.79 -5.47 35.31
C LYS D 247 -18.65 -5.04 36.48
N ASN D 248 -19.09 -3.78 36.45
CA ASN D 248 -19.94 -3.23 37.51
C ASN D 248 -21.41 -3.25 37.15
N LYS D 249 -21.73 -3.83 36.00
CA LYS D 249 -23.11 -3.92 35.54
C LYS D 249 -23.75 -5.27 35.90
N LYS D 250 -24.97 -5.20 36.43
CA LYS D 250 -25.72 -6.37 36.82
C LYS D 250 -26.10 -7.25 35.61
N PHE D 251 -26.45 -6.60 34.51
CA PHE D 251 -26.87 -7.30 33.29
C PHE D 251 -25.88 -7.26 32.14
N GLY D 252 -25.96 -8.28 31.28
CA GLY D 252 -25.12 -8.33 30.10
C GLY D 252 -25.72 -7.34 29.14
N LEU D 253 -25.02 -7.04 28.05
CA LEU D 253 -25.52 -6.06 27.07
C LEU D 253 -26.69 -6.58 26.23
N SER D 254 -26.62 -7.85 25.84
CA SER D 254 -27.66 -8.44 25.02
C SER D 254 -27.60 -9.98 25.10
N VAL D 255 -28.34 -10.65 24.23
CA VAL D 255 -28.35 -12.12 24.23
C VAL D 255 -26.97 -12.65 23.89
N GLY D 256 -26.41 -12.13 22.79
CA GLY D 256 -25.10 -12.58 22.37
C GLY D 256 -23.99 -12.05 23.25
N HIS D 257 -24.19 -10.86 23.81
CA HIS D 257 -23.19 -10.27 24.70
C HIS D 257 -23.68 -10.30 26.15
N HIS D 258 -24.03 -11.50 26.60
CA HIS D 258 -24.53 -11.72 27.95
C HIS D 258 -23.36 -11.68 28.93
N LEU D 259 -22.15 -11.77 28.39
CA LEU D 259 -20.92 -11.71 29.18
C LEU D 259 -20.87 -12.64 30.39
N GLY D 260 -21.73 -13.65 30.42
CA GLY D 260 -21.73 -14.56 31.54
C GLY D 260 -22.64 -14.12 32.66
N LYS D 261 -23.35 -13.02 32.45
CA LYS D 261 -24.28 -12.50 33.45
C LYS D 261 -25.72 -12.70 32.96
N SER D 262 -26.68 -12.06 33.62
CA SER D 262 -28.09 -12.17 33.23
C SER D 262 -28.38 -11.39 31.95
N ILE D 263 -29.11 -12.02 31.05
CA ILE D 263 -29.49 -11.39 29.80
C ILE D 263 -30.65 -10.45 30.08
N PRO D 264 -30.55 -9.19 29.65
CA PRO D 264 -31.66 -8.28 29.91
C PRO D 264 -32.94 -8.85 29.30
N THR D 265 -34.03 -8.79 30.05
CA THR D 265 -35.30 -9.35 29.63
C THR D 265 -35.79 -8.94 28.24
N ASP D 266 -36.26 -9.93 27.49
CA ASP D 266 -36.76 -9.73 26.14
C ASP D 266 -35.89 -8.80 25.33
N ASN D 267 -34.59 -9.02 25.39
CA ASN D 267 -33.64 -8.19 24.65
C ASN D 267 -33.91 -8.20 23.15
N GLN D 268 -34.38 -9.33 22.63
CA GLN D 268 -34.63 -9.45 21.20
C GLN D 268 -36.12 -9.40 20.83
N ILE D 269 -36.97 -9.17 21.82
CA ILE D 269 -38.41 -9.11 21.58
C ILE D 269 -38.98 -7.72 21.86
N LYS D 270 -38.45 -7.05 22.88
CA LYS D 270 -38.89 -5.71 23.28
C LYS D 270 -37.76 -4.69 23.24
N ALA D 271 -38.06 -3.46 22.80
CA ALA D 271 -37.07 -2.39 22.72
C ALA D 271 -36.86 -1.68 24.07
N ARG D 272 -35.84 -0.82 24.11
CA ARG D 272 -35.45 -0.03 25.29
C ARG D 272 -34.38 -0.69 26.17
N LYS D 273 -33.11 -0.38 25.89
CA LYS D 273 -31.97 -0.92 26.65
C LYS D 273 -30.78 0.05 26.61
#